data_6KYQ
#
_entry.id   6KYQ
#
_cell.length_a   77.600
_cell.length_b   77.522
_cell.length_c   178.119
_cell.angle_alpha   90.000
_cell.angle_beta   90.000
_cell.angle_gamma   90.000
#
_symmetry.space_group_name_H-M   'P 21 21 21'
#
loop_
_entity.id
_entity.type
_entity.pdbx_description
1 polymer 'Serine/threonine-protein kinase DCLK1'
2 non-polymer BETA-MERCAPTOETHANOL
3 water water
#
_entity_poly.entity_id   1
_entity_poly.type   'polypeptide(L)'
_entity_poly.pdbx_seq_one_letter_code
;GSGFQIPATITERYKVGRTIGDGNFAVVKECVERSTAREYALKIIKKSKCRGKEHMIQNEVSILRRVKHPNIVLLIEEMD
VPTELYLVMELVKGGDLFDAITSTNKYTERDASGMLYNLASAIKYLHSLNIVHRDIKPENLLVYEHQDGSKSLKLGDFGL
ATIVDGPLYTVCGTPTYVAPEIIAETGYGLKVDIWAAGVITYILLCGFPPFRGSGDDQEVLFDQILMGQVDFPSPYWDNV
SDSAKELITMMLLVDVDQRFSAVQVLEHPWVNDDGLPENEHQLSVAGKIKKHFNTGPKPNSTAAGVSVIATTALDKERQV
FRRRRNQD
;
_entity_poly.pdbx_strand_id   A,B
#
loop_
_chem_comp.id
_chem_comp.type
_chem_comp.name
_chem_comp.formula
BME non-polymer BETA-MERCAPTOETHANOL 'C2 H6 O S'
#
# COMPACT_ATOMS: atom_id res chain seq x y z
N PHE A 4 -8.24 23.47 -21.81
CA PHE A 4 -9.13 22.48 -21.21
C PHE A 4 -10.53 22.56 -21.78
N GLN A 5 -11.04 21.41 -22.22
CA GLN A 5 -12.42 21.27 -22.65
C GLN A 5 -13.22 20.60 -21.56
N ILE A 6 -13.70 21.40 -20.61
CA ILE A 6 -14.41 20.89 -19.44
C ILE A 6 -15.64 20.09 -19.89
N PRO A 7 -15.86 18.89 -19.32
CA PRO A 7 -17.01 18.08 -19.73
C PRO A 7 -18.34 18.80 -19.51
N ALA A 8 -19.35 18.41 -20.28
CA ALA A 8 -20.67 19.04 -20.18
C ALA A 8 -21.29 18.80 -18.81
N THR A 9 -20.99 17.65 -18.22
CA THR A 9 -21.56 17.27 -16.93
C THR A 9 -21.16 18.28 -15.85
N ILE A 10 -19.94 18.78 -15.92
CA ILE A 10 -19.44 19.76 -14.97
C ILE A 10 -20.03 21.14 -15.25
N THR A 11 -19.86 21.61 -16.49
CA THR A 11 -20.27 22.96 -16.87
C THR A 11 -21.78 23.18 -16.77
N GLU A 12 -22.54 22.09 -16.76
CA GLU A 12 -24.00 22.18 -16.69
C GLU A 12 -24.49 22.50 -15.28
N ARG A 13 -23.74 22.06 -14.28
CA ARG A 13 -24.13 22.24 -12.88
C ARG A 13 -23.16 23.14 -12.12
N TYR A 14 -22.00 23.40 -12.72
CA TYR A 14 -21.01 24.30 -12.14
C TYR A 14 -20.58 25.35 -13.16
N LYS A 15 -20.41 26.60 -12.70
CA LYS A 15 -19.83 27.64 -13.52
C LYS A 15 -18.35 27.79 -13.20
N VAL A 16 -17.50 27.25 -14.06
CA VAL A 16 -16.06 27.28 -13.85
C VAL A 16 -15.50 28.63 -14.27
N GLY A 17 -14.67 29.22 -13.41
CA GLY A 17 -14.12 30.55 -13.63
C GLY A 17 -12.62 30.57 -13.80
N ARG A 18 -11.99 31.59 -13.22
CA ARG A 18 -10.55 31.79 -13.33
C ARG A 18 -9.76 30.64 -12.71
N THR A 19 -8.49 30.54 -13.09
CA THR A 19 -7.56 29.61 -12.46
C THR A 19 -7.06 30.22 -11.15
N ILE A 20 -7.41 29.58 -10.04
CA ILE A 20 -7.05 30.11 -8.73
C ILE A 20 -5.63 29.70 -8.35
N GLY A 21 -5.30 28.43 -8.59
CA GLY A 21 -4.00 27.89 -8.24
C GLY A 21 -3.46 26.99 -9.34
N ASP A 22 -2.18 26.64 -9.23
CA ASP A 22 -1.53 25.79 -10.22
C ASP A 22 -0.48 24.92 -9.54
N GLY A 23 -0.19 23.78 -10.16
CA GLY A 23 0.78 22.84 -9.63
C GLY A 23 1.46 22.06 -10.73
N ASN A 24 2.43 21.23 -10.35
CA ASN A 24 3.19 20.44 -11.32
C ASN A 24 2.35 19.33 -11.94
N PHE A 25 1.25 18.98 -11.27
CA PHE A 25 0.39 17.88 -11.73
C PHE A 25 -1.09 18.27 -11.73
N ALA A 26 -1.41 19.43 -11.17
CA ALA A 26 -2.81 19.83 -11.02
C ALA A 26 -3.02 21.33 -11.23
N VAL A 27 -4.18 21.67 -11.77
CA VAL A 27 -4.61 23.06 -11.91
C VAL A 27 -5.92 23.25 -11.17
N VAL A 28 -6.05 24.38 -10.49
CA VAL A 28 -7.25 24.68 -9.70
C VAL A 28 -7.97 25.92 -10.24
N LYS A 29 -9.27 25.78 -10.45
CA LYS A 29 -10.09 26.87 -11.00
C LYS A 29 -11.27 27.18 -10.09
N GLU A 30 -11.86 28.36 -10.28
CA GLU A 30 -13.10 28.69 -9.60
C GLU A 30 -14.18 27.73 -10.05
N CYS A 31 -15.16 27.47 -9.18
CA CYS A 31 -16.18 26.47 -9.48
C CYS A 31 -17.41 26.67 -8.61
N VAL A 32 -18.33 27.53 -9.06
CA VAL A 32 -19.55 27.82 -8.34
C VAL A 32 -20.67 26.89 -8.78
N GLU A 33 -21.27 26.19 -7.83
CA GLU A 33 -22.42 25.34 -8.12
C GLU A 33 -23.61 26.24 -8.48
N ARG A 34 -24.14 26.04 -9.68
CA ARG A 34 -25.16 26.93 -10.23
C ARG A 34 -26.45 26.93 -9.39
N SER A 35 -26.87 25.76 -8.93
CA SER A 35 -28.12 25.62 -8.21
C SER A 35 -28.07 26.28 -6.83
N THR A 36 -26.92 26.19 -6.17
CA THR A 36 -26.76 26.62 -4.79
C THR A 36 -25.95 27.91 -4.66
N ALA A 37 -25.21 28.25 -5.71
CA ALA A 37 -24.27 29.37 -5.68
C ALA A 37 -23.19 29.16 -4.62
N ARG A 38 -22.97 27.90 -4.24
CA ARG A 38 -21.89 27.56 -3.32
C ARG A 38 -20.57 27.48 -4.08
N GLU A 39 -19.50 27.99 -3.47
CA GLU A 39 -18.20 28.08 -4.13
C GLU A 39 -17.31 26.89 -3.79
N TYR A 40 -16.91 26.15 -4.83
CA TYR A 40 -16.00 25.02 -4.69
C TYR A 40 -14.76 25.24 -5.54
N ALA A 41 -13.84 24.27 -5.49
CA ALA A 41 -12.61 24.32 -6.27
C ALA A 41 -12.57 23.14 -7.25
N LEU A 42 -12.36 23.45 -8.53
CA LEU A 42 -12.25 22.43 -9.56
C LEU A 42 -10.79 22.05 -9.78
N LYS A 43 -10.42 20.87 -9.29
CA LYS A 43 -9.05 20.38 -9.42
C LYS A 43 -8.92 19.50 -10.67
N ILE A 44 -8.13 19.98 -11.63
CA ILE A 44 -7.95 19.28 -12.90
C ILE A 44 -6.56 18.65 -12.98
N ILE A 45 -6.51 17.34 -13.11
CA ILE A 45 -5.25 16.59 -13.20
C ILE A 45 -5.06 16.03 -14.59
N LYS A 46 -4.00 16.48 -15.26
CA LYS A 46 -3.66 15.96 -16.59
C LYS A 46 -3.16 14.53 -16.45
N LYS A 47 -3.84 13.59 -17.10
CA LYS A 47 -3.52 12.17 -16.96
C LYS A 47 -2.20 11.80 -17.64
N SER A 48 -1.72 12.66 -18.52
CA SER A 48 -0.46 12.41 -19.21
C SER A 48 0.71 12.46 -18.24
N LYS A 49 0.55 13.20 -17.15
CA LYS A 49 1.61 13.38 -16.17
C LYS A 49 1.61 12.29 -15.11
N CYS A 50 0.43 11.69 -14.87
CA CYS A 50 0.28 10.71 -13.80
C CYS A 50 0.41 9.28 -14.30
N ARG A 51 0.73 9.11 -15.59
CA ARG A 51 0.88 7.77 -16.16
C ARG A 51 2.11 7.09 -15.55
N GLY A 52 2.01 5.80 -15.31
CA GLY A 52 3.09 5.05 -14.67
C GLY A 52 2.97 5.09 -13.17
N LYS A 53 2.36 6.14 -12.64
CA LYS A 53 2.16 6.31 -11.22
C LYS A 53 0.68 6.59 -10.92
N GLU A 54 -0.19 5.83 -11.59
CA GLU A 54 -1.62 6.02 -11.44
C GLU A 54 -2.08 5.75 -10.01
N HIS A 55 -1.46 4.74 -9.39
CA HIS A 55 -1.89 4.29 -8.07
C HIS A 55 -1.77 5.37 -7.00
N MET A 56 -0.74 6.20 -7.08
CA MET A 56 -0.52 7.24 -6.08
C MET A 56 -1.61 8.31 -6.14
N ILE A 57 -2.14 8.56 -7.34
CA ILE A 57 -3.28 9.46 -7.49
C ILE A 57 -4.56 8.73 -7.12
N GLN A 58 -4.70 7.52 -7.66
CA GLN A 58 -5.92 6.74 -7.47
C GLN A 58 -6.15 6.36 -6.01
N ASN A 59 -5.07 6.08 -5.27
CA ASN A 59 -5.18 5.74 -3.87
C ASN A 59 -5.64 6.93 -3.03
N GLU A 60 -5.20 8.12 -3.41
CA GLU A 60 -5.59 9.34 -2.73
C GLU A 60 -7.07 9.62 -2.96
N VAL A 61 -7.50 9.49 -4.21
CA VAL A 61 -8.90 9.76 -4.58
C VAL A 61 -9.84 8.78 -3.91
N SER A 62 -9.47 7.49 -3.91
CA SER A 62 -10.31 6.45 -3.33
C SER A 62 -10.50 6.68 -1.83
N ILE A 63 -9.50 7.28 -1.20
CA ILE A 63 -9.61 7.64 0.21
C ILE A 63 -10.56 8.81 0.37
N LEU A 64 -10.36 9.86 -0.42
CA LEU A 64 -11.21 11.04 -0.39
C LEU A 64 -12.66 10.68 -0.70
N ARG A 65 -12.84 9.65 -1.51
CA ARG A 65 -14.16 9.19 -1.90
C ARG A 65 -14.91 8.64 -0.70
N ARG A 66 -14.17 8.06 0.23
CA ARG A 66 -14.75 7.34 1.37
C ARG A 66 -14.93 8.24 2.59
N VAL A 67 -13.98 9.15 2.83
CA VAL A 67 -13.99 9.94 4.05
C VAL A 67 -15.04 11.05 4.02
N LYS A 68 -16.03 10.93 4.89
CA LYS A 68 -17.07 11.94 5.06
C LYS A 68 -17.10 12.40 6.51
N HIS A 69 -16.61 13.61 6.75
CA HIS A 69 -16.49 14.15 8.10
C HIS A 69 -16.44 15.68 8.02
N PRO A 70 -17.12 16.37 8.96
CA PRO A 70 -17.15 17.84 8.87
C PRO A 70 -15.77 18.49 8.99
N ASN A 71 -14.88 17.87 9.76
CA ASN A 71 -13.54 18.43 10.00
C ASN A 71 -12.50 17.93 8.99
N ILE A 72 -12.92 17.76 7.74
CA ILE A 72 -12.02 17.36 6.67
C ILE A 72 -12.39 18.11 5.39
N VAL A 73 -11.37 18.45 4.60
CA VAL A 73 -11.60 19.04 3.29
C VAL A 73 -12.11 17.95 2.35
N LEU A 74 -13.40 18.00 2.04
CA LEU A 74 -14.08 16.89 1.38
C LEU A 74 -14.03 16.94 -0.15
N LEU A 75 -14.08 15.77 -0.75
CA LEU A 75 -14.26 15.62 -2.19
C LEU A 75 -15.75 15.61 -2.51
N ILE A 76 -16.22 16.65 -3.18
CA ILE A 76 -17.64 16.80 -3.47
C ILE A 76 -18.07 15.89 -4.62
N GLU A 77 -17.30 15.90 -5.69
CA GLU A 77 -17.62 15.12 -6.88
C GLU A 77 -16.39 14.91 -7.75
N GLU A 78 -16.41 13.82 -8.51
CA GLU A 78 -15.31 13.51 -9.43
C GLU A 78 -15.85 13.16 -10.82
N MET A 79 -15.23 13.75 -11.84
CA MET A 79 -15.61 13.50 -13.23
C MET A 79 -14.40 13.01 -14.00
N ASP A 80 -14.38 11.73 -14.33
CA ASP A 80 -13.23 11.09 -14.97
C ASP A 80 -13.41 11.02 -16.48
N VAL A 81 -12.44 11.56 -17.21
CA VAL A 81 -12.41 11.50 -18.67
C VAL A 81 -11.03 11.00 -19.12
N PRO A 82 -10.95 10.50 -20.37
CA PRO A 82 -9.71 9.87 -20.86
C PRO A 82 -8.44 10.71 -20.72
N THR A 83 -8.55 12.04 -20.80
CA THR A 83 -7.37 12.90 -20.81
C THR A 83 -7.09 13.59 -19.48
N GLU A 84 -8.13 13.80 -18.67
CA GLU A 84 -7.97 14.46 -17.37
C GLU A 84 -8.87 13.86 -16.29
N LEU A 85 -8.51 14.12 -15.04
CA LEU A 85 -9.36 13.79 -13.90
C LEU A 85 -9.83 15.07 -13.22
N TYR A 86 -11.13 15.22 -13.11
CA TYR A 86 -11.73 16.39 -12.46
C TYR A 86 -12.18 16.05 -11.06
N LEU A 87 -11.84 16.91 -10.10
CA LEU A 87 -12.22 16.72 -8.71
C LEU A 87 -12.77 18.02 -8.11
N VAL A 88 -14.05 18.01 -7.79
CA VAL A 88 -14.67 19.15 -7.12
C VAL A 88 -14.36 19.08 -5.63
N MET A 89 -13.58 20.04 -5.15
CA MET A 89 -13.10 20.03 -3.77
C MET A 89 -13.66 21.19 -2.96
N GLU A 90 -13.72 21.02 -1.64
CA GLU A 90 -14.14 22.10 -0.75
C GLU A 90 -13.08 23.18 -0.72
N LEU A 91 -13.52 24.43 -0.94
CA LEU A 91 -12.62 25.58 -0.92
C LEU A 91 -12.77 26.35 0.39
N VAL A 92 -11.93 26.01 1.36
CA VAL A 92 -11.98 26.62 2.68
C VAL A 92 -11.15 27.89 2.70
N LYS A 93 -11.78 29.02 3.03
CA LYS A 93 -11.16 30.33 2.84
C LYS A 93 -10.78 31.06 4.14
N GLY A 94 -11.02 30.43 5.28
CA GLY A 94 -10.80 31.07 6.56
C GLY A 94 -9.34 31.15 6.99
N GLY A 95 -8.43 30.76 6.10
CA GLY A 95 -7.01 30.74 6.43
C GLY A 95 -6.63 29.41 7.05
N ASP A 96 -5.39 29.31 7.54
CA ASP A 96 -4.90 28.08 8.15
C ASP A 96 -4.91 28.20 9.68
N LEU A 97 -4.27 27.23 10.35
CA LEU A 97 -4.27 27.18 11.80
C LEU A 97 -3.62 28.41 12.43
N PHE A 98 -2.53 28.90 11.84
CA PHE A 98 -1.83 30.07 12.36
C PHE A 98 -2.73 31.30 12.31
N ASP A 99 -3.57 31.37 11.27
CA ASP A 99 -4.53 32.47 11.14
C ASP A 99 -5.65 32.33 12.17
N ALA A 100 -5.97 31.08 12.51
CA ALA A 100 -7.02 30.82 13.49
C ALA A 100 -6.62 31.31 14.87
N ILE A 101 -5.31 31.38 15.11
CA ILE A 101 -4.80 31.89 16.38
C ILE A 101 -4.68 33.41 16.31
N THR A 102 -4.09 33.89 15.22
CA THR A 102 -3.86 35.32 15.03
C THR A 102 -5.17 36.10 14.94
N SER A 103 -6.06 35.65 14.05
CA SER A 103 -7.33 36.33 13.84
C SER A 103 -8.20 36.31 15.10
N THR A 104 -7.94 35.35 15.97
CA THR A 104 -8.72 35.17 17.18
C THR A 104 -8.31 36.17 18.27
N ASN A 105 -9.13 37.20 18.47
CA ASN A 105 -9.00 38.04 19.64
C ASN A 105 -9.53 37.25 20.83
N LYS A 106 -9.26 37.74 22.04
CA LYS A 106 -9.58 37.03 23.28
C LYS A 106 -9.27 35.53 23.16
N TYR A 107 -8.10 35.23 22.64
CA TYR A 107 -7.67 33.84 22.43
C TYR A 107 -7.31 33.17 23.76
N THR A 108 -7.97 32.06 24.06
CA THR A 108 -7.80 31.38 25.34
C THR A 108 -7.60 29.87 25.16
N GLU A 109 -7.46 29.17 26.28
CA GLU A 109 -7.30 27.71 26.27
C GLU A 109 -8.53 27.01 25.71
N ARG A 110 -9.68 27.67 25.81
CA ARG A 110 -10.92 27.11 25.31
C ARG A 110 -10.90 27.05 23.78
N ASP A 111 -10.26 28.05 23.17
CA ASP A 111 -10.12 28.09 21.72
C ASP A 111 -9.21 26.98 21.23
N ALA A 112 -8.05 26.84 21.87
CA ALA A 112 -7.10 25.79 21.51
C ALA A 112 -7.70 24.41 21.69
N SER A 113 -8.43 24.22 22.78
CA SER A 113 -9.09 22.95 23.07
C SER A 113 -10.16 22.65 22.02
N GLY A 114 -10.82 23.70 21.54
CA GLY A 114 -11.86 23.55 20.53
C GLY A 114 -11.27 23.10 19.20
N MET A 115 -10.09 23.61 18.88
CA MET A 115 -9.41 23.25 17.64
C MET A 115 -8.89 21.81 17.72
N LEU A 116 -8.37 21.43 18.87
CA LEU A 116 -7.86 20.07 19.06
C LEU A 116 -9.00 19.05 18.99
N TYR A 117 -10.20 19.47 19.39
CA TYR A 117 -11.37 18.61 19.29
C TYR A 117 -11.68 18.32 17.84
N ASN A 118 -11.69 19.36 17.02
CA ASN A 118 -11.91 19.20 15.59
C ASN A 118 -10.85 18.32 14.96
N LEU A 119 -9.60 18.54 15.34
CA LEU A 119 -8.48 17.75 14.82
C LEU A 119 -8.57 16.31 15.28
N ALA A 120 -8.73 16.11 16.59
CA ALA A 120 -8.78 14.78 17.17
C ALA A 120 -9.99 13.99 16.65
N SER A 121 -11.08 14.70 16.40
N SER A 121 -11.08 14.70 16.41
CA SER A 121 -12.29 14.08 15.87
CA SER A 121 -12.29 14.07 15.87
C SER A 121 -12.06 13.55 14.46
C SER A 121 -12.03 13.54 14.47
N ALA A 122 -11.35 14.34 13.65
CA ALA A 122 -11.03 13.95 12.28
C ALA A 122 -10.08 12.76 12.29
N ILE A 123 -9.06 12.81 13.14
CA ILE A 123 -8.09 11.73 13.24
C ILE A 123 -8.77 10.44 13.70
N LYS A 124 -9.69 10.57 14.65
CA LYS A 124 -10.45 9.42 15.15
C LYS A 124 -11.21 8.76 14.02
N TYR A 125 -11.84 9.58 13.18
CA TYR A 125 -12.62 9.08 12.05
C TYR A 125 -11.73 8.35 11.04
N LEU A 126 -10.56 8.93 10.76
CA LEU A 126 -9.62 8.32 9.82
C LEU A 126 -9.09 6.99 10.36
N HIS A 127 -8.73 6.98 11.64
CA HIS A 127 -8.15 5.79 12.26
C HIS A 127 -9.17 4.66 12.40
N SER A 128 -10.46 5.02 12.43
CA SER A 128 -11.52 4.02 12.45
C SER A 128 -11.55 3.30 11.12
N LEU A 129 -11.16 4.00 10.06
CA LEU A 129 -11.08 3.43 8.72
C LEU A 129 -9.66 2.94 8.43
N ASN A 130 -8.82 2.90 9.45
CA ASN A 130 -7.43 2.50 9.31
C ASN A 130 -6.70 3.37 8.28
N ILE A 131 -6.93 4.68 8.34
CA ILE A 131 -6.25 5.64 7.48
C ILE A 131 -5.32 6.52 8.30
N VAL A 132 -4.03 6.50 7.97
CA VAL A 132 -3.07 7.43 8.55
C VAL A 132 -2.88 8.58 7.58
N HIS A 133 -2.82 9.80 8.11
CA HIS A 133 -2.70 11.00 7.27
C HIS A 133 -1.25 11.31 6.93
N ARG A 134 -0.37 11.20 7.94
CA ARG A 134 1.08 11.34 7.76
C ARG A 134 1.55 12.72 7.32
N ASP A 135 0.66 13.71 7.30
CA ASP A 135 1.06 15.06 6.94
C ASP A 135 0.23 16.10 7.68
N ILE A 136 -0.12 15.77 8.92
CA ILE A 136 -0.87 16.70 9.76
C ILE A 136 0.04 17.83 10.23
N LYS A 137 -0.24 19.04 9.76
CA LYS A 137 0.51 20.22 10.17
C LYS A 137 -0.37 21.46 9.97
N PRO A 138 -0.04 22.58 10.65
CA PRO A 138 -0.85 23.80 10.62
C PRO A 138 -1.24 24.25 9.21
N GLU A 139 -0.37 24.02 8.23
CA GLU A 139 -0.63 24.42 6.86
C GLU A 139 -1.76 23.60 6.24
N ASN A 140 -2.01 22.41 6.79
CA ASN A 140 -3.04 21.51 6.28
C ASN A 140 -4.32 21.55 7.12
N LEU A 141 -4.43 22.56 7.99
CA LEU A 141 -5.61 22.74 8.83
C LEU A 141 -6.27 24.08 8.52
N LEU A 142 -7.27 24.05 7.64
CA LEU A 142 -7.95 25.25 7.19
C LEU A 142 -9.12 25.60 8.11
N VAL A 143 -9.45 26.88 8.18
CA VAL A 143 -10.49 27.38 9.07
C VAL A 143 -11.83 27.55 8.36
N TYR A 144 -12.87 26.90 8.90
CA TYR A 144 -14.23 27.06 8.40
C TYR A 144 -15.04 27.96 9.32
N GLU A 145 -15.37 29.16 8.84
CA GLU A 145 -16.08 30.14 9.65
C GLU A 145 -17.59 29.96 9.53
N HIS A 146 -18.25 29.83 10.69
CA HIS A 146 -19.69 29.66 10.73
C HIS A 146 -20.40 31.01 10.83
N GLN A 147 -21.72 30.99 10.70
CA GLN A 147 -22.51 32.22 10.66
C GLN A 147 -22.53 32.96 11.99
N ASP A 148 -22.31 32.25 13.08
CA ASP A 148 -22.33 32.86 14.41
C ASP A 148 -20.96 33.39 14.80
N GLY A 149 -19.97 33.20 13.93
CA GLY A 149 -18.62 33.68 14.18
C GLY A 149 -17.71 32.58 14.70
N SER A 150 -18.28 31.46 15.09
CA SER A 150 -17.50 30.33 15.57
C SER A 150 -16.67 29.73 14.43
N LYS A 151 -15.66 28.94 14.78
CA LYS A 151 -14.74 28.36 13.80
C LYS A 151 -14.61 26.86 13.97
N SER A 152 -14.36 26.17 12.85
CA SER A 152 -14.10 24.74 12.86
C SER A 152 -12.99 24.43 11.86
N LEU A 153 -12.03 23.60 12.28
CA LEU A 153 -10.91 23.25 11.43
C LEU A 153 -11.28 22.11 10.48
N LYS A 154 -10.61 22.07 9.34
CA LYS A 154 -10.82 21.02 8.35
C LYS A 154 -9.47 20.52 7.82
N LEU A 155 -9.19 19.25 8.06
CA LEU A 155 -7.92 18.65 7.66
C LEU A 155 -7.91 18.34 6.16
N GLY A 156 -6.89 18.84 5.48
CA GLY A 156 -6.76 18.65 4.04
C GLY A 156 -5.43 18.04 3.66
N ASP A 157 -5.20 17.93 2.35
CA ASP A 157 -3.96 17.40 1.80
C ASP A 157 -3.75 15.94 2.22
N PHE A 158 -4.43 15.03 1.53
CA PHE A 158 -4.31 13.60 1.79
C PHE A 158 -3.28 12.97 0.86
N GLY A 159 -2.28 13.76 0.46
CA GLY A 159 -1.28 13.31 -0.49
C GLY A 159 -0.36 12.23 0.05
N LEU A 160 -0.28 12.12 1.37
CA LEU A 160 0.52 11.09 2.04
C LEU A 160 -0.37 10.07 2.76
N ALA A 161 -1.68 10.25 2.64
CA ALA A 161 -2.61 9.35 3.30
C ALA A 161 -2.55 7.95 2.71
N THR A 162 -2.75 6.93 3.55
CA THR A 162 -2.69 5.55 3.10
C THR A 162 -3.35 4.61 4.11
N ILE A 163 -3.81 3.46 3.60
CA ILE A 163 -4.39 2.42 4.46
C ILE A 163 -3.27 1.67 5.16
N VAL A 164 -3.41 1.48 6.48
CA VAL A 164 -2.43 0.73 7.25
C VAL A 164 -2.84 -0.73 7.38
N ASP A 165 -2.06 -1.60 6.75
CA ASP A 165 -2.25 -3.04 6.85
C ASP A 165 -1.17 -3.62 7.76
N GLY A 166 -0.10 -2.86 7.95
CA GLY A 166 0.99 -3.24 8.83
C GLY A 166 1.91 -2.06 9.01
N PRO A 167 3.04 -2.26 9.72
CA PRO A 167 4.01 -1.19 9.94
C PRO A 167 4.52 -0.54 8.66
N LEU A 168 4.50 0.79 8.63
CA LEU A 168 5.06 1.55 7.52
C LEU A 168 6.50 1.90 7.82
N TYR A 169 7.30 2.16 6.78
CA TYR A 169 8.73 2.41 6.96
C TYR A 169 9.23 3.61 6.17
N THR A 170 8.43 4.06 5.19
CA THR A 170 8.81 5.22 4.38
C THR A 170 8.91 6.47 5.25
N VAL A 171 10.04 7.16 5.15
CA VAL A 171 10.31 8.33 5.98
C VAL A 171 9.64 9.58 5.39
N CYS A 172 8.34 9.73 5.63
CA CYS A 172 7.54 10.85 5.11
C CYS A 172 7.13 11.79 6.22
N GLY A 173 6.99 13.06 5.87
CA GLY A 173 6.49 14.04 6.81
C GLY A 173 7.43 15.21 7.03
N THR A 174 6.89 16.27 7.66
CA THR A 174 7.68 17.47 7.97
C THR A 174 8.46 17.26 9.28
N PRO A 175 9.79 17.47 9.26
CA PRO A 175 10.66 17.19 10.41
C PRO A 175 10.11 17.63 11.78
N THR A 176 9.50 18.80 11.84
CA THR A 176 8.98 19.34 13.09
C THR A 176 7.89 18.46 13.69
N TYR A 177 7.08 17.83 12.83
CA TYR A 177 5.90 17.11 13.28
C TYR A 177 6.06 15.59 13.16
N VAL A 178 7.17 15.14 12.61
CA VAL A 178 7.41 13.71 12.42
C VAL A 178 7.59 13.00 13.75
N ALA A 179 7.02 11.80 13.86
CA ALA A 179 7.12 11.00 15.08
C ALA A 179 8.47 10.28 15.15
N PRO A 180 8.88 9.87 16.36
CA PRO A 180 10.18 9.21 16.55
C PRO A 180 10.34 7.92 15.76
N GLU A 181 9.29 7.10 15.75
CA GLU A 181 9.36 5.79 15.10
C GLU A 181 9.56 5.92 13.59
N ILE A 182 9.11 7.04 13.02
CA ILE A 182 9.34 7.31 11.61
C ILE A 182 10.82 7.58 11.37
N ILE A 183 11.40 8.41 12.24
CA ILE A 183 12.81 8.75 12.17
C ILE A 183 13.68 7.51 12.36
N ALA A 184 13.32 6.68 13.33
CA ALA A 184 14.08 5.48 13.66
C ALA A 184 13.91 4.39 12.60
N GLU A 185 12.87 4.53 11.78
CA GLU A 185 12.56 3.55 10.74
C GLU A 185 12.37 2.16 11.33
N THR A 186 11.71 2.10 12.48
CA THR A 186 11.48 0.83 13.17
C THR A 186 10.05 0.31 12.95
N GLY A 187 9.27 1.03 12.14
CA GLY A 187 7.90 0.66 11.86
C GLY A 187 6.92 1.56 12.59
N TYR A 188 6.06 2.23 11.82
CA TYR A 188 5.07 3.15 12.39
C TYR A 188 3.68 2.91 11.80
N GLY A 189 2.67 3.40 12.49
CA GLY A 189 1.28 3.21 12.07
C GLY A 189 0.44 4.46 12.24
N LEU A 190 -0.76 4.29 12.78
CA LEU A 190 -1.73 5.38 12.90
C LEU A 190 -1.29 6.47 13.88
N LYS A 191 -0.67 6.07 14.97
CA LYS A 191 -0.41 6.98 16.08
C LYS A 191 0.61 8.07 15.78
N VAL A 192 1.16 8.08 14.56
CA VAL A 192 2.04 9.17 14.17
C VAL A 192 1.23 10.44 14.00
N ASP A 193 -0.06 10.28 13.69
CA ASP A 193 -0.98 11.41 13.58
C ASP A 193 -1.21 12.05 14.95
N ILE A 194 -1.19 11.23 15.99
CA ILE A 194 -1.35 11.72 17.37
C ILE A 194 -0.14 12.56 17.76
N TRP A 195 1.05 12.08 17.42
CA TRP A 195 2.28 12.80 17.70
C TRP A 195 2.24 14.18 17.06
N ALA A 196 1.92 14.20 15.77
CA ALA A 196 1.81 15.45 15.01
C ALA A 196 0.80 16.38 15.65
N ALA A 197 -0.35 15.82 16.05
CA ALA A 197 -1.39 16.59 16.71
C ALA A 197 -0.91 17.08 18.08
N GLY A 198 0.01 16.32 18.68
CA GLY A 198 0.58 16.70 19.96
C GLY A 198 1.52 17.87 19.81
N VAL A 199 2.31 17.87 18.74
CA VAL A 199 3.19 18.98 18.43
C VAL A 199 2.36 20.23 18.19
N ILE A 200 1.26 20.07 17.46
CA ILE A 200 0.37 21.18 17.14
C ILE A 200 -0.25 21.76 18.41
N THR A 201 -0.71 20.89 19.29
CA THR A 201 -1.32 21.32 20.55
C THR A 201 -0.32 22.13 21.38
N TYR A 202 0.93 21.72 21.34
CA TYR A 202 1.99 22.42 22.06
C TYR A 202 2.15 23.83 21.51
N ILE A 203 2.05 23.95 20.19
CA ILE A 203 2.15 25.25 19.53
C ILE A 203 0.94 26.12 19.84
N LEU A 204 -0.23 25.48 19.97
CA LEU A 204 -1.46 26.21 20.24
C LEU A 204 -1.41 26.96 21.57
N LEU A 205 -0.61 26.46 22.51
CA LEU A 205 -0.60 26.98 23.87
C LEU A 205 0.59 27.88 24.20
N CYS A 206 1.54 28.01 23.27
CA CYS A 206 2.72 28.85 23.51
C CYS A 206 3.27 29.50 22.24
N GLY A 207 3.02 28.89 21.08
CA GLY A 207 3.36 29.51 19.80
C GLY A 207 4.72 29.13 19.27
N PHE A 208 5.25 28.01 19.72
CA PHE A 208 6.53 27.50 19.23
C PHE A 208 6.61 25.99 19.45
N PRO A 209 7.35 25.28 18.58
CA PRO A 209 7.38 23.82 18.70
C PRO A 209 8.06 23.33 19.98
N PRO A 210 7.73 22.11 20.42
CA PRO A 210 8.40 21.51 21.59
C PRO A 210 9.82 21.06 21.24
N PHE A 211 10.01 20.65 20.00
CA PHE A 211 11.31 20.20 19.50
C PHE A 211 11.79 21.10 18.38
N ARG A 212 12.79 21.91 18.66
CA ARG A 212 13.32 22.89 17.71
C ARG A 212 14.76 22.57 17.36
N GLY A 213 15.50 22.02 18.33
CA GLY A 213 16.89 21.68 18.13
C GLY A 213 17.77 22.91 18.07
N GLN A 218 19.86 20.26 12.18
CA GLN A 218 18.83 19.33 11.74
C GLN A 218 18.91 18.02 12.51
N GLU A 219 20.13 17.54 12.73
CA GLU A 219 20.34 16.30 13.45
C GLU A 219 19.95 16.44 14.92
N VAL A 220 20.14 17.64 15.46
CA VAL A 220 19.80 17.90 16.86
C VAL A 220 18.28 17.81 17.04
N LEU A 221 17.54 18.26 16.04
CA LEU A 221 16.09 18.18 16.07
C LEU A 221 15.64 16.72 16.13
N PHE A 222 16.27 15.88 15.33
CA PHE A 222 15.92 14.46 15.27
C PHE A 222 16.22 13.79 16.61
N ASP A 223 17.30 14.18 17.25
CA ASP A 223 17.65 13.64 18.56
C ASP A 223 16.63 14.03 19.61
N GLN A 224 16.15 15.28 19.53
CA GLN A 224 15.13 15.76 20.46
C GLN A 224 13.85 14.95 20.32
N ILE A 225 13.42 14.72 19.09
CA ILE A 225 12.22 13.96 18.81
C ILE A 225 12.36 12.53 19.31
N LEU A 226 13.49 11.90 19.00
CA LEU A 226 13.74 10.52 19.38
C LEU A 226 13.68 10.33 20.90
N MET A 227 14.16 11.32 21.64
CA MET A 227 14.18 11.23 23.10
C MET A 227 12.81 11.58 23.69
N GLY A 228 12.07 12.42 22.97
CA GLY A 228 10.70 12.75 23.36
C GLY A 228 10.60 13.39 24.73
N GLN A 229 11.56 14.23 25.07
CA GLN A 229 11.53 14.96 26.33
C GLN A 229 10.89 16.33 26.15
N VAL A 230 9.63 16.43 26.54
CA VAL A 230 8.88 17.67 26.38
C VAL A 230 9.15 18.62 27.54
N ASP A 231 9.64 19.81 27.19
CA ASP A 231 9.89 20.86 28.18
C ASP A 231 8.80 21.92 28.09
N PHE A 232 8.29 22.34 29.24
CA PHE A 232 7.33 23.43 29.31
C PHE A 232 8.00 24.63 29.97
N PRO A 233 8.85 25.34 29.21
CA PRO A 233 9.70 26.40 29.78
C PRO A 233 8.91 27.56 30.37
N SER A 234 9.54 28.27 31.31
CA SER A 234 8.93 29.45 31.92
C SER A 234 9.33 30.69 31.12
N PRO A 235 8.49 31.74 31.16
CA PRO A 235 7.21 31.84 31.86
C PRO A 235 6.02 31.50 30.98
N TYR A 236 6.29 30.93 29.81
CA TYR A 236 5.26 30.72 28.79
C TYR A 236 4.22 29.68 29.21
N TRP A 237 4.63 28.73 30.05
CA TRP A 237 3.77 27.62 30.45
C TRP A 237 3.38 27.67 31.93
N ASP A 238 3.64 28.80 32.57
CA ASP A 238 3.30 28.95 33.99
C ASP A 238 1.79 29.01 34.20
N ASN A 239 1.11 29.84 33.41
CA ASN A 239 -0.33 30.04 33.55
C ASN A 239 -1.13 29.10 32.65
N VAL A 240 -0.48 28.07 32.11
CA VAL A 240 -1.16 27.05 31.33
C VAL A 240 -1.57 25.91 32.26
N SER A 241 -2.78 25.39 32.05
CA SER A 241 -3.33 24.35 32.90
C SER A 241 -2.47 23.08 32.88
N ASP A 242 -2.32 22.45 34.04
CA ASP A 242 -1.55 21.22 34.15
C ASP A 242 -2.21 20.10 33.36
N SER A 243 -3.53 20.15 33.27
CA SER A 243 -4.27 19.16 32.50
C SER A 243 -3.88 19.23 31.02
N ALA A 244 -3.64 20.44 30.54
CA ALA A 244 -3.21 20.63 29.15
C ALA A 244 -1.80 20.10 28.95
N LYS A 245 -0.94 20.35 29.91
CA LYS A 245 0.44 19.89 29.84
C LYS A 245 0.51 18.37 30.01
N GLU A 246 -0.41 17.83 30.79
CA GLU A 246 -0.50 16.38 30.98
C GLU A 246 -0.94 15.71 29.69
N LEU A 247 -1.88 16.33 28.99
CA LEU A 247 -2.38 15.78 27.74
C LEU A 247 -1.27 15.68 26.71
N ILE A 248 -0.56 16.78 26.49
CA ILE A 248 0.52 16.83 25.51
C ILE A 248 1.58 15.78 25.82
N THR A 249 1.85 15.57 27.11
CA THR A 249 2.83 14.58 27.52
C THR A 249 2.43 13.20 27.01
N MET A 250 1.15 12.87 27.11
CA MET A 250 0.66 11.56 26.70
C MET A 250 0.56 11.43 25.18
N MET A 251 0.48 12.57 24.49
CA MET A 251 0.40 12.58 23.04
C MET A 251 1.80 12.47 22.41
N LEU A 252 2.81 12.84 23.18
CA LEU A 252 4.19 12.84 22.68
C LEU A 252 5.06 11.81 23.41
N LEU A 253 4.49 10.63 23.66
CA LEU A 253 5.24 9.53 24.25
C LEU A 253 5.93 8.71 23.17
N VAL A 254 7.21 8.45 23.37
CA VAL A 254 7.99 7.65 22.42
C VAL A 254 7.43 6.23 22.35
N ASP A 255 7.00 5.71 23.50
CA ASP A 255 6.36 4.41 23.54
C ASP A 255 4.99 4.50 22.89
N VAL A 256 4.84 3.83 21.74
CA VAL A 256 3.63 3.93 20.94
C VAL A 256 2.40 3.41 21.70
N ASP A 257 2.56 2.31 22.40
CA ASP A 257 1.44 1.69 23.12
C ASP A 257 0.98 2.58 24.27
N GLN A 258 1.91 3.29 24.88
CA GLN A 258 1.58 4.21 25.97
C GLN A 258 0.94 5.49 25.43
N ARG A 259 1.37 5.89 24.23
CA ARG A 259 0.86 7.09 23.59
C ARG A 259 -0.65 7.01 23.41
N PHE A 260 -1.32 8.13 23.62
CA PHE A 260 -2.78 8.20 23.48
C PHE A 260 -3.22 7.86 22.06
N SER A 261 -4.40 7.25 21.96
CA SER A 261 -5.07 7.09 20.68
C SER A 261 -5.94 8.32 20.45
N ALA A 262 -6.59 8.40 19.30
CA ALA A 262 -7.46 9.53 19.01
C ALA A 262 -8.61 9.61 20.01
N VAL A 263 -9.13 8.44 20.37
CA VAL A 263 -10.21 8.35 21.35
C VAL A 263 -9.75 8.88 22.71
N GLN A 264 -8.60 8.38 23.16
CA GLN A 264 -8.08 8.72 24.48
C GLN A 264 -7.77 10.22 24.60
N VAL A 265 -7.47 10.87 23.49
CA VAL A 265 -7.29 12.31 23.47
C VAL A 265 -8.64 13.00 23.70
N LEU A 266 -9.63 12.60 22.92
CA LEU A 266 -10.97 13.18 23.01
C LEU A 266 -11.61 12.90 24.37
N GLU A 267 -11.22 11.79 25.00
CA GLU A 267 -11.76 11.41 26.30
C GLU A 267 -11.00 12.10 27.44
N HIS A 268 -9.90 12.78 27.12
CA HIS A 268 -9.13 13.47 28.13
C HIS A 268 -9.89 14.70 28.63
N PRO A 269 -9.92 14.92 29.96
CA PRO A 269 -10.67 16.04 30.57
C PRO A 269 -10.53 17.38 29.85
N TRP A 270 -9.30 17.76 29.50
CA TRP A 270 -9.05 19.06 28.89
C TRP A 270 -9.73 19.19 27.53
N VAL A 271 -10.04 18.05 26.91
CA VAL A 271 -10.75 18.03 25.64
C VAL A 271 -12.21 17.65 25.85
N ASN A 272 -12.44 16.62 26.65
CA ASN A 272 -13.78 16.13 26.92
C ASN A 272 -14.62 17.18 27.64
N ASP A 273 -14.21 17.54 28.84
CA ASP A 273 -14.92 18.55 29.62
C ASP A 273 -14.61 19.95 29.09
N ASP A 274 -15.64 20.62 28.58
CA ASP A 274 -15.47 21.95 27.99
C ASP A 274 -15.54 23.05 29.04
N GLY A 275 -15.26 22.70 30.30
CA GLY A 275 -15.24 23.65 31.39
C GLY A 275 -13.84 23.82 31.97
N LEU A 276 -13.00 22.80 31.76
CA LEU A 276 -11.64 22.82 32.27
C LEU A 276 -10.77 23.88 31.59
N PRO A 277 -10.79 23.93 30.24
CA PRO A 277 -9.97 24.91 29.52
C PRO A 277 -10.20 26.35 29.99
N GLU A 278 -9.12 27.03 30.37
CA GLU A 278 -9.21 28.42 30.79
C GLU A 278 -9.80 29.29 29.69
N ASN A 279 -10.74 30.15 30.05
CA ASN A 279 -11.40 31.02 29.09
C ASN A 279 -11.41 32.48 29.56
N GLU A 280 -10.84 32.74 30.74
CA GLU A 280 -10.79 34.08 31.29
C GLU A 280 -9.47 34.77 30.95
N HIS A 281 -8.36 34.10 31.26
CA HIS A 281 -7.04 34.64 31.00
C HIS A 281 -6.55 34.23 29.61
N GLN A 282 -6.11 35.21 28.82
CA GLN A 282 -5.71 34.98 27.45
C GLN A 282 -4.34 34.30 27.34
N LEU A 283 -3.99 33.93 26.10
CA LEU A 283 -2.70 33.33 25.81
C LEU A 283 -1.94 34.18 24.79
N SER A 284 -0.90 34.88 25.25
CA SER A 284 -0.08 35.71 24.37
C SER A 284 0.77 34.81 23.48
N VAL A 285 0.19 34.35 22.38
CA VAL A 285 0.82 33.38 21.49
C VAL A 285 1.20 34.00 20.15
N ALA A 286 0.45 35.03 19.75
CA ALA A 286 0.61 35.64 18.42
C ALA A 286 2.05 36.05 18.12
N GLY A 287 2.77 36.54 19.13
CA GLY A 287 4.12 36.99 18.95
C GLY A 287 5.08 35.89 18.54
N LYS A 288 4.92 34.72 19.16
CA LYS A 288 5.82 33.59 18.91
C LYS A 288 5.57 32.95 17.56
N ILE A 289 4.33 33.00 17.08
CA ILE A 289 3.96 32.40 15.80
C ILE A 289 4.75 33.03 14.65
N LYS A 290 4.76 34.36 14.62
CA LYS A 290 5.43 35.08 13.53
C LYS A 290 6.94 34.85 13.59
N LYS A 291 7.46 34.66 14.79
CA LYS A 291 8.89 34.48 15.00
C LYS A 291 9.37 33.15 14.44
N HIS A 292 8.57 32.10 14.61
CA HIS A 292 8.99 30.74 14.30
C HIS A 292 8.38 30.18 13.01
N PHE A 293 7.17 30.62 12.70
CA PHE A 293 6.43 30.08 11.55
C PHE A 293 6.17 31.14 10.48
N ASN A 294 5.83 30.70 9.28
CA ASN A 294 5.48 31.58 8.18
C ASN A 294 3.99 31.93 8.24
N THR A 295 3.59 32.88 7.41
CA THR A 295 2.19 33.30 7.34
C THR A 295 1.63 33.05 5.95
N GLY A 296 0.62 32.18 5.87
CA GLY A 296 0.01 31.83 4.61
C GLY A 296 -0.85 32.95 4.06
N PRO A 297 -1.60 32.66 2.98
CA PRO A 297 -2.51 33.63 2.36
C PRO A 297 -3.52 34.20 3.35
N LYS A 298 -3.81 35.49 3.22
CA LYS A 298 -4.78 36.16 4.09
C LYS A 298 -6.14 35.47 4.00
N PRO A 299 -6.87 35.39 5.13
CA PRO A 299 -8.21 34.80 5.10
C PRO A 299 -9.12 35.43 4.04
N ASN A 300 -9.86 34.59 3.33
CA ASN A 300 -10.78 35.03 2.28
C ASN A 300 -10.08 35.75 1.14
N SER A 301 -8.76 35.57 1.03
CA SER A 301 -8.02 36.07 -0.12
C SER A 301 -8.24 35.13 -1.29
N THR A 302 -7.64 35.44 -2.43
CA THR A 302 -7.83 34.64 -3.63
C THR A 302 -7.10 33.30 -3.54
N ALA A 303 -5.97 33.28 -2.84
CA ALA A 303 -5.12 32.09 -2.78
C ALA A 303 -5.29 31.32 -1.47
N ALA A 304 -6.30 31.68 -0.68
CA ALA A 304 -6.52 31.04 0.61
C ALA A 304 -7.08 29.62 0.44
N GLY A 305 -6.42 28.66 1.07
CA GLY A 305 -6.87 27.28 1.05
C GLY A 305 -6.78 26.62 -0.30
N VAL A 306 -6.06 27.25 -1.23
CA VAL A 306 -5.90 26.73 -2.58
C VAL A 306 -4.70 25.78 -2.65
N SER A 307 -3.69 26.07 -1.85
CA SER A 307 -2.46 25.28 -1.84
C SER A 307 -2.74 23.82 -1.46
N VAL A 308 -3.69 23.62 -0.55
CA VAL A 308 -4.08 22.29 -0.12
C VAL A 308 -4.67 21.49 -1.28
N ILE A 309 -5.37 22.18 -2.16
CA ILE A 309 -6.03 21.54 -3.31
C ILE A 309 -5.08 21.42 -4.49
N ALA A 310 -4.18 22.40 -4.63
CA ALA A 310 -3.26 22.44 -5.77
C ALA A 310 -2.25 21.29 -5.74
N THR A 311 -1.94 20.82 -4.53
CA THR A 311 -0.93 19.77 -4.36
C THR A 311 -1.52 18.37 -4.57
N THR A 312 -0.67 17.43 -4.96
CA THR A 312 -1.07 16.04 -5.14
C THR A 312 -0.07 15.12 -4.46
N ALA A 313 -0.30 13.81 -4.58
CA ALA A 313 0.59 12.83 -3.99
C ALA A 313 1.94 12.81 -4.70
N LEU A 314 1.94 13.18 -5.97
CA LEU A 314 3.15 13.19 -6.78
C LEU A 314 4.06 14.36 -6.42
N ASP A 315 3.52 15.34 -5.72
CA ASP A 315 4.29 16.51 -5.30
C ASP A 315 5.07 16.25 -4.01
N LYS A 316 4.83 15.08 -3.40
CA LYS A 316 5.42 14.76 -2.10
C LYS A 316 6.84 14.22 -2.24
N GLU A 317 7.70 14.61 -1.30
CA GLU A 317 9.10 14.20 -1.30
C GLU A 317 9.60 13.99 0.13
N ARG A 318 10.64 13.18 0.26
CA ARG A 318 11.26 12.95 1.56
C ARG A 318 12.01 14.21 2.01
N GLN A 319 11.95 14.49 3.30
CA GLN A 319 12.56 15.69 3.86
C GLN A 319 13.48 15.37 5.04
N VAL A 320 13.25 14.22 5.67
CA VAL A 320 13.99 13.82 6.85
C VAL A 320 15.20 12.96 6.45
N PHE A 321 16.39 13.41 6.83
CA PHE A 321 17.63 12.69 6.53
C PHE A 321 18.60 12.74 7.71
N ARG A 322 18.64 11.66 8.48
CA ARG A 322 19.61 11.54 9.56
C ARG A 322 21.02 11.41 9.01
N ARG A 323 22.01 11.79 9.81
CA ARG A 323 23.38 11.43 9.53
C ARG A 323 23.47 9.91 9.62
N ARG A 324 23.84 9.27 8.52
CA ARG A 324 23.85 7.80 8.47
C ARG A 324 24.73 7.23 9.58
N ARG A 325 24.18 6.28 10.33
CA ARG A 325 24.88 5.66 11.44
C ARG A 325 25.90 4.65 10.93
N PHE B 4 -21.07 -5.72 -20.26
CA PHE B 4 -19.89 -4.86 -20.42
C PHE B 4 -19.89 -4.17 -21.78
N GLN B 5 -19.52 -2.89 -21.77
CA GLN B 5 -19.31 -2.13 -23.00
C GLN B 5 -17.82 -1.88 -23.20
N ILE B 6 -17.18 -2.76 -23.96
CA ILE B 6 -15.74 -2.69 -24.18
C ILE B 6 -15.39 -1.38 -24.88
N PRO B 7 -14.42 -0.63 -24.34
CA PRO B 7 -14.05 0.63 -25.00
C PRO B 7 -13.46 0.39 -26.40
N ALA B 8 -13.59 1.39 -27.27
CA ALA B 8 -13.16 1.27 -28.65
C ALA B 8 -11.67 0.97 -28.76
N THR B 9 -10.90 1.47 -27.80
CA THR B 9 -9.45 1.29 -27.80
C THR B 9 -9.08 -0.19 -27.83
N ILE B 10 -9.78 -0.98 -27.03
CA ILE B 10 -9.54 -2.42 -26.96
C ILE B 10 -10.06 -3.13 -28.22
N THR B 11 -11.32 -2.85 -28.55
CA THR B 11 -11.99 -3.53 -29.67
C THR B 11 -11.28 -3.29 -30.99
N GLU B 12 -10.66 -2.13 -31.14
CA GLU B 12 -10.00 -1.76 -32.39
C GLU B 12 -8.77 -2.62 -32.67
N ARG B 13 -8.06 -3.02 -31.61
CA ARG B 13 -6.82 -3.77 -31.76
C ARG B 13 -6.96 -5.23 -31.33
N TYR B 14 -8.00 -5.52 -30.54
CA TYR B 14 -8.26 -6.88 -30.07
C TYR B 14 -9.67 -7.32 -30.43
N LYS B 15 -9.80 -8.58 -30.86
CA LYS B 15 -11.11 -9.18 -31.07
C LYS B 15 -11.47 -10.00 -29.83
N VAL B 16 -12.37 -9.45 -29.01
CA VAL B 16 -12.74 -10.07 -27.75
C VAL B 16 -13.79 -11.16 -27.98
N GLY B 17 -13.53 -12.34 -27.42
CA GLY B 17 -14.40 -13.49 -27.59
C GLY B 17 -15.25 -13.77 -26.37
N ARG B 18 -15.56 -15.04 -26.16
CA ARG B 18 -16.43 -15.46 -25.07
C ARG B 18 -15.73 -15.41 -23.71
N THR B 19 -16.52 -15.42 -22.65
CA THR B 19 -15.98 -15.45 -21.29
C THR B 19 -15.30 -16.79 -21.02
N ILE B 20 -14.01 -16.73 -20.69
CA ILE B 20 -13.24 -17.94 -20.44
C ILE B 20 -13.42 -18.40 -18.99
N GLY B 21 -13.20 -17.48 -18.06
CA GLY B 21 -13.31 -17.78 -16.64
C GLY B 21 -14.06 -16.70 -15.90
N ASP B 22 -14.30 -16.93 -14.61
CA ASP B 22 -15.07 -16.00 -13.79
C ASP B 22 -14.62 -16.05 -12.34
N GLY B 23 -14.51 -14.89 -11.72
CA GLY B 23 -14.14 -14.78 -10.31
C GLY B 23 -15.11 -13.89 -9.57
N ASN B 24 -14.91 -13.74 -8.26
CA ASN B 24 -15.78 -12.92 -7.43
C ASN B 24 -15.63 -11.43 -7.73
N PHE B 25 -14.53 -11.06 -8.38
CA PHE B 25 -14.22 -9.66 -8.65
C PHE B 25 -13.70 -9.42 -10.05
N ALA B 26 -13.66 -10.47 -10.88
CA ALA B 26 -13.12 -10.35 -12.23
C ALA B 26 -13.75 -11.33 -13.20
N VAL B 27 -13.85 -10.91 -14.46
CA VAL B 27 -14.32 -11.76 -15.55
C VAL B 27 -13.22 -11.83 -16.62
N VAL B 28 -12.99 -13.03 -17.14
CA VAL B 28 -11.95 -13.25 -18.14
C VAL B 28 -12.56 -13.65 -19.48
N LYS B 29 -12.16 -12.97 -20.54
CA LYS B 29 -12.64 -13.24 -21.89
C LYS B 29 -11.49 -13.53 -22.84
N GLU B 30 -11.79 -14.19 -23.95
CA GLU B 30 -10.82 -14.37 -25.03
C GLU B 30 -10.47 -13.00 -25.59
N CYS B 31 -9.24 -12.86 -26.08
CA CYS B 31 -8.76 -11.57 -26.53
C CYS B 31 -7.62 -11.72 -27.55
N VAL B 32 -8.01 -11.92 -28.81
CA VAL B 32 -7.04 -12.10 -29.89
C VAL B 32 -6.60 -10.75 -30.46
N GLU B 33 -5.30 -10.49 -30.41
CA GLU B 33 -4.74 -9.30 -31.01
C GLU B 33 -4.87 -9.41 -32.53
N ARG B 34 -5.58 -8.45 -33.13
CA ARG B 34 -5.90 -8.52 -34.56
C ARG B 34 -4.65 -8.51 -35.44
N SER B 35 -3.70 -7.66 -35.11
CA SER B 35 -2.50 -7.48 -35.93
C SER B 35 -1.60 -8.72 -35.92
N THR B 36 -1.38 -9.29 -34.74
CA THR B 36 -0.45 -10.39 -34.56
C THR B 36 -1.14 -11.75 -34.45
N ALA B 37 -2.47 -11.73 -34.32
CA ALA B 37 -3.25 -12.94 -34.11
C ALA B 37 -2.83 -13.69 -32.85
N ARG B 38 -2.13 -13.00 -31.95
CA ARG B 38 -1.71 -13.59 -30.70
C ARG B 38 -2.86 -13.59 -29.70
N GLU B 39 -3.02 -14.70 -28.98
CA GLU B 39 -4.14 -14.89 -28.07
C GLU B 39 -3.79 -14.45 -26.65
N TYR B 40 -4.59 -13.54 -26.11
CA TYR B 40 -4.43 -13.06 -24.75
C TYR B 40 -5.71 -13.29 -23.95
N ALA B 41 -5.71 -12.80 -22.71
CA ALA B 41 -6.89 -12.88 -21.84
C ALA B 41 -7.28 -11.49 -21.36
N LEU B 42 -8.51 -11.09 -21.66
CA LEU B 42 -9.01 -9.78 -21.24
C LEU B 42 -9.67 -9.88 -19.87
N LYS B 43 -8.99 -9.32 -18.87
CA LYS B 43 -9.48 -9.34 -17.50
C LYS B 43 -10.28 -8.07 -17.21
N ILE B 44 -11.54 -8.25 -16.82
CA ILE B 44 -12.46 -7.14 -16.59
C ILE B 44 -12.86 -7.07 -15.12
N ILE B 45 -12.58 -5.93 -14.48
CA ILE B 45 -12.87 -5.74 -13.07
C ILE B 45 -13.90 -4.63 -12.86
N LYS B 46 -15.10 -5.01 -12.43
CA LYS B 46 -16.13 -4.05 -12.07
C LYS B 46 -15.69 -3.26 -10.85
N LYS B 47 -15.55 -1.95 -11.00
CA LYS B 47 -15.18 -1.09 -9.88
C LYS B 47 -16.27 -1.06 -8.82
N SER B 48 -17.46 -1.52 -9.19
CA SER B 48 -18.58 -1.63 -8.26
C SER B 48 -18.25 -2.53 -7.09
N LYS B 49 -17.51 -3.60 -7.36
CA LYS B 49 -17.16 -4.59 -6.33
C LYS B 49 -15.89 -4.20 -5.59
N CYS B 50 -15.27 -3.09 -5.98
CA CYS B 50 -14.02 -2.65 -5.40
C CYS B 50 -14.21 -1.53 -4.37
N ARG B 51 -15.47 -1.18 -4.09
CA ARG B 51 -15.78 -0.06 -3.21
C ARG B 51 -15.17 -0.23 -1.82
N GLY B 52 -14.39 0.76 -1.40
CA GLY B 52 -13.78 0.74 -0.09
C GLY B 52 -12.48 -0.05 -0.04
N LYS B 53 -12.16 -0.75 -1.13
CA LYS B 53 -10.98 -1.59 -1.19
C LYS B 53 -10.27 -1.43 -2.53
N GLU B 54 -10.37 -0.23 -3.11
CA GLU B 54 -9.79 0.04 -4.42
C GLU B 54 -8.27 -0.06 -4.40
N HIS B 55 -7.66 0.37 -3.30
CA HIS B 55 -6.20 0.36 -3.16
C HIS B 55 -5.61 -1.04 -3.34
N MET B 56 -6.38 -2.05 -2.96
CA MET B 56 -5.93 -3.43 -3.05
C MET B 56 -5.64 -3.79 -4.51
N ILE B 57 -6.55 -3.42 -5.40
CA ILE B 57 -6.39 -3.67 -6.83
C ILE B 57 -5.35 -2.74 -7.43
N GLN B 58 -5.45 -1.46 -7.10
CA GLN B 58 -4.57 -0.44 -7.64
C GLN B 58 -3.10 -0.71 -7.31
N ASN B 59 -2.86 -1.25 -6.11
CA ASN B 59 -1.50 -1.62 -5.72
C ASN B 59 -1.02 -2.85 -6.50
N GLU B 60 -1.93 -3.78 -6.76
CA GLU B 60 -1.61 -4.98 -7.50
C GLU B 60 -1.16 -4.63 -8.92
N VAL B 61 -1.93 -3.77 -9.58
CA VAL B 61 -1.63 -3.38 -10.96
C VAL B 61 -0.35 -2.57 -11.04
N SER B 62 -0.09 -1.74 -10.02
CA SER B 62 1.10 -0.91 -10.00
C SER B 62 2.36 -1.76 -10.03
N ILE B 63 2.24 -3.00 -9.54
CA ILE B 63 3.34 -3.95 -9.58
C ILE B 63 3.38 -4.63 -10.95
N LEU B 64 2.22 -4.98 -11.47
CA LEU B 64 2.11 -5.62 -12.78
C LEU B 64 2.66 -4.72 -13.88
N ARG B 65 2.51 -3.41 -13.70
CA ARG B 65 3.02 -2.44 -14.67
C ARG B 65 4.54 -2.51 -14.79
N ARG B 66 5.21 -2.71 -13.67
CA ARG B 66 6.66 -2.64 -13.61
C ARG B 66 7.35 -3.93 -14.03
N VAL B 67 6.78 -5.07 -13.63
CA VAL B 67 7.44 -6.35 -13.82
C VAL B 67 7.48 -6.76 -15.29
N LYS B 68 8.69 -6.94 -15.81
CA LYS B 68 8.91 -7.42 -17.16
C LYS B 68 9.99 -8.49 -17.14
N HIS B 69 9.57 -9.75 -17.21
CA HIS B 69 10.47 -10.89 -17.15
C HIS B 69 9.84 -12.07 -17.88
N PRO B 70 10.63 -12.83 -18.64
CA PRO B 70 10.04 -13.94 -19.41
C PRO B 70 9.35 -14.99 -18.54
N ASN B 71 9.83 -15.17 -17.31
CA ASN B 71 9.28 -16.17 -16.40
C ASN B 71 8.21 -15.58 -15.48
N ILE B 72 7.48 -14.59 -15.99
CA ILE B 72 6.36 -13.99 -15.27
C ILE B 72 5.19 -13.78 -16.21
N VAL B 73 3.98 -14.04 -15.71
CA VAL B 73 2.76 -13.78 -16.46
C VAL B 73 2.60 -12.27 -16.60
N LEU B 74 2.83 -11.76 -17.80
CA LEU B 74 2.94 -10.32 -18.01
C LEU B 74 1.60 -9.62 -18.23
N LEU B 75 1.54 -8.38 -17.75
CA LEU B 75 0.44 -7.48 -18.07
C LEU B 75 0.75 -6.79 -19.39
N ILE B 76 -0.01 -7.10 -20.43
CA ILE B 76 0.25 -6.58 -21.76
C ILE B 76 -0.18 -5.12 -21.88
N GLU B 77 -1.40 -4.82 -21.46
CA GLU B 77 -1.95 -3.49 -21.63
C GLU B 77 -2.99 -3.16 -20.55
N GLU B 78 -3.16 -1.87 -20.30
CA GLU B 78 -4.06 -1.39 -19.26
C GLU B 78 -4.99 -0.31 -19.83
N MET B 79 -6.29 -0.48 -19.60
CA MET B 79 -7.29 0.48 -20.05
C MET B 79 -8.30 0.75 -18.93
N ASP B 80 -8.26 1.97 -18.41
CA ASP B 80 -9.09 2.35 -17.27
C ASP B 80 -10.26 3.25 -17.67
N VAL B 81 -11.47 2.78 -17.40
CA VAL B 81 -12.70 3.55 -17.63
C VAL B 81 -13.46 3.64 -16.30
N PRO B 82 -14.28 4.70 -16.14
CA PRO B 82 -14.91 4.99 -14.84
C PRO B 82 -15.73 3.84 -14.23
N THR B 83 -16.15 2.88 -15.04
CA THR B 83 -17.02 1.80 -14.54
C THR B 83 -16.27 0.49 -14.29
N GLU B 84 -15.33 0.16 -15.18
CA GLU B 84 -14.57 -1.08 -15.05
C GLU B 84 -13.09 -0.86 -15.37
N LEU B 85 -12.25 -1.77 -14.87
CA LEU B 85 -10.83 -1.78 -15.20
C LEU B 85 -10.53 -2.94 -16.15
N TYR B 86 -9.85 -2.65 -17.25
CA TYR B 86 -9.50 -3.66 -18.24
C TYR B 86 -8.00 -3.95 -18.20
N LEU B 87 -7.66 -5.24 -18.16
CA LEU B 87 -6.27 -5.68 -18.14
C LEU B 87 -6.05 -6.78 -19.16
N VAL B 88 -5.22 -6.51 -20.17
CA VAL B 88 -4.85 -7.52 -21.15
C VAL B 88 -3.69 -8.34 -20.59
N MET B 89 -3.97 -9.62 -20.29
CA MET B 89 -3.00 -10.48 -19.64
C MET B 89 -2.51 -11.60 -20.55
N GLU B 90 -1.30 -12.08 -20.29
CA GLU B 90 -0.79 -13.27 -20.97
C GLU B 90 -1.61 -14.49 -20.55
N LEU B 91 -1.96 -15.32 -21.53
CA LEU B 91 -2.76 -16.51 -21.29
C LEU B 91 -1.93 -17.77 -21.51
N VAL B 92 -1.33 -18.27 -20.43
CA VAL B 92 -0.47 -19.45 -20.49
C VAL B 92 -1.33 -20.71 -20.39
N LYS B 93 -1.24 -21.56 -21.41
CA LYS B 93 -2.17 -22.68 -21.56
C LYS B 93 -1.54 -24.05 -21.28
N GLY B 94 -0.25 -24.09 -21.01
CA GLY B 94 0.44 -25.37 -20.85
C GLY B 94 0.19 -26.06 -19.52
N GLY B 95 -0.78 -25.56 -18.75
CA GLY B 95 -1.08 -26.14 -17.45
C GLY B 95 -0.22 -25.52 -16.36
N ASP B 96 -0.21 -26.15 -15.19
CA ASP B 96 0.58 -25.66 -14.06
C ASP B 96 1.80 -26.55 -13.81
N LEU B 97 2.44 -26.36 -12.66
CA LEU B 97 3.65 -27.09 -12.33
C LEU B 97 3.41 -28.61 -12.25
N PHE B 98 2.26 -28.99 -11.71
CA PHE B 98 1.93 -30.41 -11.59
C PHE B 98 1.78 -31.05 -12.96
N ASP B 99 1.21 -30.31 -13.90
CA ASP B 99 1.08 -30.78 -15.27
C ASP B 99 2.45 -30.83 -15.94
N ALA B 100 3.35 -29.96 -15.51
CA ALA B 100 4.70 -29.93 -16.06
C ALA B 100 5.50 -31.17 -15.65
N ILE B 101 5.01 -31.86 -14.62
CA ILE B 101 5.65 -33.08 -14.14
C ILE B 101 4.91 -34.29 -14.68
N THR B 102 3.58 -34.24 -14.65
CA THR B 102 2.75 -35.35 -15.10
C THR B 102 2.97 -35.63 -16.59
N SER B 103 2.59 -34.68 -17.43
CA SER B 103 2.66 -34.86 -18.88
C SER B 103 4.10 -35.06 -19.35
N THR B 104 5.04 -34.46 -18.63
CA THR B 104 6.45 -34.56 -18.98
C THR B 104 6.94 -36.00 -18.90
N ASN B 105 7.03 -36.65 -20.06
CA ASN B 105 7.57 -37.99 -20.14
C ASN B 105 9.06 -37.98 -19.81
N LYS B 106 9.53 -39.03 -19.15
CA LYS B 106 10.92 -39.12 -18.71
C LYS B 106 11.29 -37.95 -17.81
N TYR B 107 10.70 -37.93 -16.61
CA TYR B 107 10.93 -36.85 -15.66
C TYR B 107 12.21 -37.10 -14.87
N THR B 108 13.08 -36.09 -14.84
CA THR B 108 14.41 -36.22 -14.24
C THR B 108 14.75 -35.02 -13.35
N GLU B 109 15.97 -35.01 -12.82
CA GLU B 109 16.44 -33.89 -12.03
C GLU B 109 16.75 -32.70 -12.93
N ARG B 110 17.11 -32.98 -14.18
CA ARG B 110 17.41 -31.93 -15.14
C ARG B 110 16.16 -31.15 -15.48
N ASP B 111 15.02 -31.83 -15.48
CA ASP B 111 13.73 -31.19 -15.69
C ASP B 111 13.39 -30.32 -14.49
N ALA B 112 13.52 -30.89 -13.30
CA ALA B 112 13.24 -30.17 -12.06
C ALA B 112 14.19 -28.99 -11.90
N SER B 113 15.44 -29.20 -12.25
CA SER B 113 16.46 -28.15 -12.15
C SER B 113 16.15 -27.02 -13.12
N GLY B 114 15.59 -27.36 -14.27
CA GLY B 114 15.23 -26.38 -15.27
C GLY B 114 14.08 -25.51 -14.82
N MET B 115 13.15 -26.12 -14.09
CA MET B 115 11.99 -25.40 -13.57
C MET B 115 12.38 -24.47 -12.44
N LEU B 116 13.28 -24.94 -11.57
CA LEU B 116 13.76 -24.12 -10.46
C LEU B 116 14.56 -22.92 -10.97
N TYR B 117 15.21 -23.09 -12.12
CA TYR B 117 15.97 -22.00 -12.71
C TYR B 117 15.02 -20.88 -13.15
N ASN B 118 13.92 -21.26 -13.78
CA ASN B 118 12.92 -20.29 -14.22
C ASN B 118 12.31 -19.56 -13.04
N LEU B 119 11.97 -20.31 -12.00
CA LEU B 119 11.38 -19.73 -10.80
C LEU B 119 12.37 -18.81 -10.10
N ALA B 120 13.57 -19.31 -9.83
CA ALA B 120 14.60 -18.53 -9.17
C ALA B 120 14.97 -17.29 -9.98
N SER B 121 14.93 -17.41 -11.30
CA SER B 121 15.19 -16.29 -12.18
C SER B 121 14.12 -15.22 -12.01
N ALA B 122 12.87 -15.66 -11.92
CA ALA B 122 11.76 -14.75 -11.68
C ALA B 122 11.86 -14.12 -10.29
N ILE B 123 12.17 -14.95 -9.30
CA ILE B 123 12.32 -14.48 -7.92
C ILE B 123 13.47 -13.48 -7.81
N LYS B 124 14.57 -13.77 -8.51
CA LYS B 124 15.72 -12.88 -8.52
C LYS B 124 15.32 -11.50 -9.04
N TYR B 125 14.51 -11.50 -10.10
CA TYR B 125 14.08 -10.26 -10.74
C TYR B 125 13.19 -9.44 -9.82
N LEU B 126 12.23 -10.09 -9.17
CA LEU B 126 11.32 -9.40 -8.26
C LEU B 126 12.07 -8.81 -7.07
N HIS B 127 13.01 -9.58 -6.54
CA HIS B 127 13.78 -9.15 -5.37
C HIS B 127 14.69 -7.98 -5.70
N SER B 128 15.14 -7.89 -6.95
CA SER B 128 15.96 -6.78 -7.40
C SER B 128 15.16 -5.48 -7.34
N LEU B 129 13.83 -5.61 -7.49
CA LEU B 129 12.92 -4.49 -7.40
C LEU B 129 12.33 -4.37 -6.00
N ASN B 130 12.90 -5.13 -5.06
CA ASN B 130 12.39 -5.18 -3.69
C ASN B 130 10.93 -5.59 -3.64
N ILE B 131 10.55 -6.52 -4.52
CA ILE B 131 9.19 -7.05 -4.56
C ILE B 131 9.17 -8.49 -4.05
N VAL B 132 8.33 -8.74 -3.05
CA VAL B 132 8.10 -10.09 -2.55
C VAL B 132 6.76 -10.59 -3.10
N HIS B 133 6.69 -11.86 -3.48
CA HIS B 133 5.50 -12.41 -4.10
C HIS B 133 4.49 -12.91 -3.06
N ARG B 134 5.00 -13.60 -2.03
CA ARG B 134 4.20 -14.05 -0.90
C ARG B 134 3.10 -15.05 -1.26
N ASP B 135 3.10 -15.57 -2.49
CA ASP B 135 2.08 -16.53 -2.90
C ASP B 135 2.64 -17.50 -3.94
N ILE B 136 3.93 -17.80 -3.85
CA ILE B 136 4.55 -18.75 -4.76
C ILE B 136 4.09 -20.17 -4.43
N LYS B 137 3.40 -20.79 -5.39
CA LYS B 137 2.92 -22.16 -5.24
C LYS B 137 2.66 -22.77 -6.62
N PRO B 138 2.63 -24.12 -6.70
CA PRO B 138 2.45 -24.83 -7.96
C PRO B 138 1.30 -24.31 -8.82
N GLU B 139 0.20 -23.90 -8.18
CA GLU B 139 -0.96 -23.40 -8.91
C GLU B 139 -0.65 -22.09 -9.64
N ASN B 140 0.29 -21.31 -9.09
CA ASN B 140 0.64 -20.01 -9.65
C ASN B 140 1.82 -20.09 -10.62
N LEU B 141 2.30 -21.30 -10.88
CA LEU B 141 3.39 -21.52 -11.83
C LEU B 141 2.86 -22.17 -13.10
N LEU B 142 2.72 -21.38 -14.16
CA LEU B 142 2.14 -21.85 -15.41
C LEU B 142 3.21 -22.24 -16.42
N VAL B 143 2.88 -23.19 -17.29
CA VAL B 143 3.84 -23.76 -18.22
C VAL B 143 3.73 -23.14 -19.61
N TYR B 144 4.82 -22.50 -20.05
CA TYR B 144 4.89 -21.95 -21.40
C TYR B 144 5.62 -22.92 -22.33
N GLU B 145 4.88 -23.50 -23.27
CA GLU B 145 5.44 -24.47 -24.20
C GLU B 145 6.05 -23.80 -25.42
N HIS B 146 7.34 -24.02 -25.63
CA HIS B 146 8.04 -23.48 -26.79
C HIS B 146 7.80 -24.37 -28.02
N GLN B 147 8.28 -23.91 -29.17
CA GLN B 147 8.05 -24.61 -30.42
C GLN B 147 8.91 -25.87 -30.55
N ASP B 148 10.04 -25.89 -29.84
CA ASP B 148 10.95 -27.03 -29.89
C ASP B 148 10.56 -28.12 -28.90
N GLY B 149 9.44 -27.91 -28.20
CA GLY B 149 8.96 -28.89 -27.24
C GLY B 149 9.41 -28.59 -25.81
N SER B 150 10.41 -27.73 -25.68
CA SER B 150 10.91 -27.35 -24.36
C SER B 150 9.86 -26.53 -23.61
N LYS B 151 10.08 -26.37 -22.31
CA LYS B 151 9.12 -25.69 -21.44
C LYS B 151 9.78 -24.60 -20.61
N SER B 152 9.01 -23.53 -20.35
CA SER B 152 9.45 -22.45 -19.48
C SER B 152 8.32 -22.07 -18.53
N LEU B 153 8.64 -21.97 -17.25
CA LEU B 153 7.64 -21.62 -16.25
C LEU B 153 7.43 -20.11 -16.17
N LYS B 154 6.21 -19.71 -15.84
CA LYS B 154 5.85 -18.30 -15.66
C LYS B 154 5.08 -18.11 -14.37
N LEU B 155 5.62 -17.27 -13.50
CA LEU B 155 5.01 -17.00 -12.20
C LEU B 155 3.92 -15.95 -12.33
N GLY B 156 2.73 -16.26 -11.82
CA GLY B 156 1.59 -15.37 -11.89
C GLY B 156 0.97 -15.10 -10.54
N ASP B 157 -0.19 -14.43 -10.56
CA ASP B 157 -0.94 -14.11 -9.35
C ASP B 157 -0.11 -13.23 -8.40
N PHE B 158 -0.12 -11.93 -8.67
CA PHE B 158 0.57 -10.95 -7.82
C PHE B 158 -0.43 -10.29 -6.86
N GLY B 159 -1.37 -11.08 -6.37
CA GLY B 159 -2.41 -10.58 -5.48
C GLY B 159 -1.90 -10.24 -4.09
N LEU B 160 -0.85 -10.94 -3.67
CA LEU B 160 -0.24 -10.70 -2.36
C LEU B 160 1.13 -10.03 -2.51
N ALA B 161 1.50 -9.67 -3.73
CA ALA B 161 2.78 -9.04 -3.98
C ALA B 161 2.82 -7.64 -3.39
N THR B 162 3.99 -7.24 -2.90
CA THR B 162 4.15 -5.92 -2.28
C THR B 162 5.62 -5.52 -2.17
N ILE B 163 5.85 -4.21 -2.05
CA ILE B 163 7.19 -3.68 -1.86
C ILE B 163 7.62 -3.89 -0.41
N VAL B 164 8.87 -4.31 -0.24
CA VAL B 164 9.44 -4.50 1.10
C VAL B 164 10.26 -3.27 1.51
N ASP B 165 9.62 -2.39 2.27
CA ASP B 165 10.30 -1.22 2.83
C ASP B 165 10.88 -1.57 4.20
N GLY B 166 10.34 -2.63 4.80
CA GLY B 166 10.81 -3.12 6.07
C GLY B 166 10.13 -4.43 6.39
N PRO B 167 10.43 -5.01 7.56
CA PRO B 167 9.83 -6.29 7.97
C PRO B 167 8.30 -6.28 7.94
N LEU B 168 7.72 -7.22 7.20
CA LEU B 168 6.27 -7.36 7.13
C LEU B 168 5.79 -8.28 8.24
N TYR B 169 4.52 -8.15 8.63
CA TYR B 169 3.98 -8.93 9.75
C TYR B 169 2.62 -9.57 9.44
N THR B 170 2.00 -9.15 8.33
CA THR B 170 0.72 -9.72 7.93
C THR B 170 0.86 -11.20 7.61
N VAL B 171 0.05 -12.02 8.28
CA VAL B 171 0.16 -13.46 8.15
C VAL B 171 -0.52 -13.94 6.88
N CYS B 172 0.14 -13.75 5.74
CA CYS B 172 -0.41 -14.12 4.44
C CYS B 172 0.33 -15.32 3.86
N GLY B 173 -0.40 -16.16 3.13
CA GLY B 173 0.18 -17.28 2.42
C GLY B 173 -0.51 -18.60 2.67
N THR B 174 -0.20 -19.59 1.85
CA THR B 174 -0.75 -20.93 1.99
C THR B 174 0.08 -21.74 3.00
N PRO B 175 -0.57 -22.34 4.02
CA PRO B 175 0.14 -23.02 5.10
C PRO B 175 1.29 -23.94 4.66
N THR B 176 1.07 -24.69 3.59
CA THR B 176 2.08 -25.62 3.09
C THR B 176 3.35 -24.89 2.68
N TYR B 177 3.20 -23.65 2.21
CA TYR B 177 4.31 -22.92 1.61
C TYR B 177 4.78 -21.73 2.43
N VAL B 178 4.10 -21.46 3.54
CA VAL B 178 4.45 -20.32 4.40
C VAL B 178 5.78 -20.54 5.11
N ALA B 179 6.56 -19.47 5.23
CA ALA B 179 7.85 -19.51 5.91
C ALA B 179 7.70 -19.33 7.41
N PRO B 180 8.72 -19.76 8.20
CA PRO B 180 8.66 -19.67 9.66
C PRO B 180 8.42 -18.26 10.21
N GLU B 181 9.08 -17.27 9.61
CA GLU B 181 9.00 -15.89 10.08
C GLU B 181 7.56 -15.38 10.07
N ILE B 182 6.81 -15.81 9.05
CA ILE B 182 5.42 -15.38 8.90
C ILE B 182 4.57 -15.96 10.02
N ILE B 183 4.77 -17.24 10.30
CA ILE B 183 4.04 -17.92 11.36
C ILE B 183 4.41 -17.32 12.72
N ALA B 184 5.69 -17.07 12.91
CA ALA B 184 6.19 -16.53 14.18
C ALA B 184 5.80 -15.07 14.36
N GLU B 185 5.47 -14.40 13.26
CA GLU B 185 5.11 -12.98 13.29
C GLU B 185 6.23 -12.13 13.90
N THR B 186 7.47 -12.48 13.57
CA THR B 186 8.64 -11.77 14.10
C THR B 186 9.21 -10.81 13.05
N GLY B 187 8.53 -10.69 11.92
CA GLY B 187 9.00 -9.85 10.83
C GLY B 187 9.61 -10.70 9.73
N TYR B 188 9.21 -10.45 8.49
CA TYR B 188 9.74 -11.19 7.34
C TYR B 188 9.93 -10.27 6.13
N GLY B 189 10.70 -10.75 5.16
CA GLY B 189 11.01 -9.99 3.98
C GLY B 189 11.02 -10.82 2.71
N LEU B 190 11.93 -10.50 1.80
CA LEU B 190 11.97 -11.11 0.48
C LEU B 190 12.19 -12.64 0.51
N LYS B 191 12.97 -13.11 1.48
CA LYS B 191 13.42 -14.51 1.47
C LYS B 191 12.32 -15.51 1.83
N VAL B 192 11.10 -15.05 2.04
CA VAL B 192 9.99 -15.97 2.23
C VAL B 192 9.66 -16.65 0.91
N ASP B 193 9.97 -15.96 -0.18
CA ASP B 193 9.80 -16.53 -1.52
C ASP B 193 10.78 -17.68 -1.75
N ILE B 194 11.95 -17.59 -1.14
CA ILE B 194 12.94 -18.64 -1.25
C ILE B 194 12.47 -19.89 -0.51
N TRP B 195 11.93 -19.70 0.69
CA TRP B 195 11.38 -20.81 1.46
C TRP B 195 10.25 -21.46 0.68
N ALA B 196 9.44 -20.63 0.02
CA ALA B 196 8.35 -21.13 -0.82
C ALA B 196 8.90 -21.95 -1.97
N ALA B 197 9.89 -21.41 -2.67
CA ALA B 197 10.52 -22.10 -3.79
C ALA B 197 11.24 -23.35 -3.33
N GLY B 198 11.65 -23.37 -2.07
CA GLY B 198 12.33 -24.52 -1.51
C GLY B 198 11.40 -25.71 -1.34
N VAL B 199 10.21 -25.45 -0.81
CA VAL B 199 9.21 -26.49 -0.63
C VAL B 199 8.79 -27.04 -2.00
N ILE B 200 8.69 -26.15 -2.98
CA ILE B 200 8.35 -26.56 -4.34
C ILE B 200 9.44 -27.50 -4.88
N THR B 201 10.69 -27.11 -4.71
CA THR B 201 11.81 -27.91 -5.18
C THR B 201 11.80 -29.29 -4.54
N TYR B 202 11.39 -29.35 -3.27
CA TYR B 202 11.26 -30.61 -2.56
C TYR B 202 10.19 -31.47 -3.21
N ILE B 203 9.07 -30.84 -3.57
CA ILE B 203 7.97 -31.53 -4.23
C ILE B 203 8.38 -32.01 -5.62
N LEU B 204 9.22 -31.24 -6.28
CA LEU B 204 9.67 -31.59 -7.64
C LEU B 204 10.37 -32.95 -7.66
N LEU B 205 11.11 -33.27 -6.60
CA LEU B 205 12.00 -34.42 -6.59
C LEU B 205 11.43 -35.64 -5.86
N CYS B 206 10.16 -35.57 -5.45
CA CYS B 206 9.54 -36.72 -4.78
C CYS B 206 8.02 -36.71 -4.86
N GLY B 207 7.42 -35.53 -4.95
CA GLY B 207 5.99 -35.41 -5.18
C GLY B 207 5.15 -35.26 -3.92
N PHE B 208 5.76 -34.79 -2.85
CA PHE B 208 5.03 -34.52 -1.62
C PHE B 208 5.76 -33.47 -0.80
N PRO B 209 5.02 -32.64 -0.03
CA PRO B 209 5.67 -31.57 0.73
C PRO B 209 6.63 -32.09 1.80
N PRO B 210 7.65 -31.30 2.17
CA PRO B 210 8.54 -31.69 3.26
C PRO B 210 7.88 -31.52 4.63
N PHE B 211 6.89 -30.64 4.70
CA PHE B 211 6.14 -30.39 5.93
C PHE B 211 4.66 -30.67 5.71
N ARG B 212 4.19 -31.77 6.28
CA ARG B 212 2.80 -32.21 6.12
C ARG B 212 2.10 -32.25 7.47
N GLY B 213 2.87 -32.42 8.53
CA GLY B 213 2.33 -32.49 9.87
C GLY B 213 1.50 -33.74 10.09
N GLN B 218 -3.09 -29.27 12.03
CA GLN B 218 -2.81 -27.94 11.50
C GLN B 218 -1.70 -27.29 12.32
N GLU B 219 -1.77 -27.47 13.64
CA GLU B 219 -0.77 -26.91 14.54
C GLU B 219 0.54 -27.69 14.41
N VAL B 220 0.42 -29.00 14.16
CA VAL B 220 1.60 -29.84 13.97
C VAL B 220 2.36 -29.40 12.73
N LEU B 221 1.63 -29.02 11.70
CA LEU B 221 2.22 -28.51 10.47
C LEU B 221 3.04 -27.26 10.75
N PHE B 222 2.49 -26.36 11.55
CA PHE B 222 3.14 -25.10 11.87
C PHE B 222 4.41 -25.32 12.69
N ASP B 223 4.38 -26.31 13.59
CA ASP B 223 5.55 -26.63 14.40
C ASP B 223 6.67 -27.18 13.52
N GLN B 224 6.30 -27.97 12.51
CA GLN B 224 7.28 -28.51 11.57
C GLN B 224 8.02 -27.40 10.85
N ILE B 225 7.25 -26.46 10.31
CA ILE B 225 7.82 -25.32 9.59
C ILE B 225 8.74 -24.52 10.50
N LEU B 226 8.27 -24.23 11.72
CA LEU B 226 9.03 -23.45 12.68
C LEU B 226 10.37 -24.09 13.01
N MET B 227 10.37 -25.41 13.17
CA MET B 227 11.60 -26.15 13.49
C MET B 227 12.45 -26.35 12.24
N GLY B 228 11.79 -26.47 11.09
CA GLY B 228 12.47 -26.53 9.81
C GLY B 228 13.48 -27.65 9.68
N GLN B 229 13.15 -28.82 10.23
CA GLN B 229 13.98 -30.00 10.09
C GLN B 229 13.50 -30.85 8.92
N VAL B 230 14.14 -30.68 7.77
CA VAL B 230 13.73 -31.35 6.55
C VAL B 230 14.26 -32.79 6.51
N ASP B 231 13.36 -33.74 6.28
CA ASP B 231 13.72 -35.14 6.15
C ASP B 231 13.63 -35.58 4.70
N PHE B 232 14.58 -36.40 4.27
CA PHE B 232 14.58 -36.99 2.94
C PHE B 232 14.31 -38.49 3.06
N PRO B 233 13.03 -38.88 3.21
CA PRO B 233 12.69 -40.27 3.52
C PRO B 233 13.07 -41.25 2.43
N SER B 234 13.40 -42.47 2.84
CA SER B 234 13.68 -43.56 1.90
C SER B 234 12.38 -44.26 1.53
N PRO B 235 12.32 -44.85 0.32
CA PRO B 235 13.36 -44.90 -0.71
C PRO B 235 13.23 -43.76 -1.73
N TYR B 236 12.38 -42.79 -1.44
CA TYR B 236 12.02 -41.76 -2.40
C TYR B 236 13.19 -40.83 -2.71
N TRP B 237 14.07 -40.63 -1.73
CA TRP B 237 15.20 -39.72 -1.87
C TRP B 237 16.55 -40.45 -1.91
N ASP B 238 16.52 -41.75 -2.13
CA ASP B 238 17.74 -42.54 -2.17
C ASP B 238 18.55 -42.23 -3.43
N ASN B 239 17.87 -42.17 -4.57
CA ASN B 239 18.53 -41.97 -5.86
C ASN B 239 18.55 -40.50 -6.27
N VAL B 240 18.22 -39.61 -5.34
CA VAL B 240 18.29 -38.17 -5.61
C VAL B 240 19.67 -37.66 -5.24
N SER B 241 20.22 -36.80 -6.10
CA SER B 241 21.56 -36.26 -5.90
C SER B 241 21.67 -35.50 -4.59
N ASP B 242 22.77 -35.72 -3.86
CA ASP B 242 23.01 -35.05 -2.60
C ASP B 242 23.16 -33.54 -2.80
N SER B 243 23.54 -33.15 -4.00
CA SER B 243 23.66 -31.73 -4.34
C SER B 243 22.29 -31.08 -4.34
N ALA B 244 21.29 -31.81 -4.82
CA ALA B 244 19.92 -31.31 -4.83
C ALA B 244 19.41 -31.19 -3.40
N LYS B 245 19.61 -32.22 -2.61
CA LYS B 245 19.17 -32.23 -1.21
C LYS B 245 19.90 -31.15 -0.40
N GLU B 246 21.13 -30.87 -0.77
CA GLU B 246 21.90 -29.80 -0.13
C GLU B 246 21.28 -28.45 -0.43
N LEU B 247 20.87 -28.26 -1.68
CA LEU B 247 20.27 -27.01 -2.11
C LEU B 247 18.99 -26.73 -1.34
N ILE B 248 18.11 -27.73 -1.26
CA ILE B 248 16.84 -27.59 -0.58
C ILE B 248 17.05 -27.26 0.90
N THR B 249 18.10 -27.83 1.47
CA THR B 249 18.44 -27.57 2.88
C THR B 249 18.73 -26.09 3.09
N MET B 250 19.50 -25.50 2.18
CA MET B 250 19.87 -24.09 2.28
C MET B 250 18.68 -23.18 2.04
N MET B 251 17.75 -23.62 1.21
CA MET B 251 16.57 -22.83 0.88
C MET B 251 15.52 -22.89 1.99
N LEU B 252 15.60 -23.93 2.82
CA LEU B 252 14.62 -24.13 3.89
C LEU B 252 15.27 -24.00 5.27
N LEU B 253 16.09 -22.97 5.44
CA LEU B 253 16.68 -22.68 6.75
C LEU B 253 15.82 -21.69 7.52
N VAL B 254 15.62 -21.96 8.80
CA VAL B 254 14.85 -21.07 9.67
C VAL B 254 15.59 -19.74 9.83
N ASP B 255 16.91 -19.81 9.93
CA ASP B 255 17.73 -18.61 10.01
C ASP B 255 17.73 -17.91 8.66
N VAL B 256 17.07 -16.76 8.61
CA VAL B 256 16.87 -16.04 7.35
C VAL B 256 18.20 -15.62 6.73
N ASP B 257 19.15 -15.24 7.58
CA ASP B 257 20.46 -14.77 7.11
C ASP B 257 21.28 -15.91 6.52
N GLN B 258 21.12 -17.12 7.07
CA GLN B 258 21.81 -18.29 6.55
C GLN B 258 21.14 -18.79 5.28
N ARG B 259 19.82 -18.64 5.22
CA ARG B 259 19.04 -19.09 4.07
C ARG B 259 19.53 -18.45 2.78
N PHE B 260 19.52 -19.23 1.70
CA PHE B 260 19.97 -18.74 0.41
C PHE B 260 19.10 -17.59 -0.10
N SER B 261 19.72 -16.72 -0.90
CA SER B 261 19.00 -15.72 -1.66
C SER B 261 18.73 -16.30 -3.05
N ALA B 262 17.96 -15.58 -3.85
CA ALA B 262 17.65 -16.03 -5.21
C ALA B 262 18.93 -16.20 -6.02
N VAL B 263 19.89 -15.32 -5.77
CA VAL B 263 21.19 -15.39 -6.44
C VAL B 263 21.93 -16.64 -6.01
N GLN B 264 21.96 -16.90 -4.71
CA GLN B 264 22.68 -18.05 -4.16
C GLN B 264 22.06 -19.37 -4.61
N VAL B 265 20.77 -19.34 -4.93
CA VAL B 265 20.11 -20.50 -5.53
C VAL B 265 20.54 -20.61 -6.99
N LEU B 266 20.64 -19.47 -7.66
CA LEU B 266 21.03 -19.43 -9.06
C LEU B 266 22.55 -19.56 -9.23
N GLU B 267 23.27 -19.62 -8.11
CA GLU B 267 24.71 -19.83 -8.11
C GLU B 267 25.06 -21.24 -7.64
N HIS B 268 24.09 -21.95 -7.08
CA HIS B 268 24.30 -23.32 -6.64
C HIS B 268 24.51 -24.23 -7.85
N PRO B 269 25.51 -25.12 -7.78
CA PRO B 269 25.88 -25.93 -8.96
C PRO B 269 24.74 -26.78 -9.53
N TRP B 270 23.84 -27.26 -8.69
CA TRP B 270 22.74 -28.11 -9.14
C TRP B 270 21.82 -27.35 -10.10
N VAL B 271 21.80 -26.02 -9.96
CA VAL B 271 21.00 -25.17 -10.83
C VAL B 271 21.91 -24.38 -11.77
N ASN B 272 23.11 -24.07 -11.30
CA ASN B 272 24.10 -23.35 -12.11
C ASN B 272 24.61 -24.25 -13.23
N ASP B 273 25.31 -25.31 -12.87
CA ASP B 273 25.82 -26.27 -13.85
C ASP B 273 24.67 -27.15 -14.34
N ASP B 274 24.36 -27.04 -15.63
CA ASP B 274 23.26 -27.78 -16.22
C ASP B 274 23.69 -29.18 -16.65
N GLY B 275 24.73 -29.70 -16.00
CA GLY B 275 25.21 -31.04 -16.26
C GLY B 275 25.21 -31.89 -14.99
N LEU B 276 25.20 -31.22 -13.84
CA LEU B 276 25.19 -31.91 -12.56
C LEU B 276 23.87 -32.64 -12.29
N PRO B 277 22.73 -32.03 -12.65
CA PRO B 277 21.46 -32.74 -12.45
C PRO B 277 21.41 -34.09 -13.17
N GLU B 278 20.97 -35.12 -12.44
CA GLU B 278 20.84 -36.46 -13.01
C GLU B 278 19.87 -36.43 -14.19
N ASN B 279 20.28 -37.05 -15.29
CA ASN B 279 19.51 -37.00 -16.53
C ASN B 279 19.49 -38.34 -17.27
N GLU B 280 19.51 -39.42 -16.51
CA GLU B 280 19.39 -40.76 -17.07
C GLU B 280 18.47 -41.63 -16.22
N HIS B 281 18.49 -41.41 -14.90
CA HIS B 281 17.57 -42.09 -13.99
C HIS B 281 16.32 -41.25 -13.79
N GLN B 282 15.18 -41.82 -14.14
CA GLN B 282 13.90 -41.10 -14.06
C GLN B 282 13.48 -40.87 -12.61
N LEU B 283 12.42 -40.10 -12.44
CA LEU B 283 11.85 -39.82 -11.13
C LEU B 283 10.35 -40.13 -11.12
N SER B 284 9.99 -41.30 -10.62
CA SER B 284 8.59 -41.69 -10.51
C SER B 284 7.91 -40.85 -9.43
N VAL B 285 7.40 -39.70 -9.85
CA VAL B 285 6.85 -38.69 -8.94
C VAL B 285 5.34 -38.55 -9.14
N ALA B 286 4.87 -38.85 -10.34
CA ALA B 286 3.47 -38.65 -10.71
C ALA B 286 2.50 -39.29 -9.73
N GLY B 287 2.88 -40.43 -9.16
CA GLY B 287 2.03 -41.15 -8.24
C GLY B 287 1.76 -40.39 -6.95
N LYS B 288 2.79 -39.72 -6.44
CA LYS B 288 2.69 -39.00 -5.18
C LYS B 288 1.96 -37.66 -5.35
N ILE B 289 2.08 -37.07 -6.53
CA ILE B 289 1.42 -35.79 -6.82
C ILE B 289 -0.09 -35.89 -6.65
N LYS B 290 -0.68 -36.92 -7.25
CA LYS B 290 -2.12 -37.09 -7.24
C LYS B 290 -2.65 -37.40 -5.83
N LYS B 291 -1.85 -38.14 -5.07
CA LYS B 291 -2.25 -38.55 -3.72
C LYS B 291 -2.33 -37.38 -2.75
N HIS B 292 -1.49 -36.37 -2.97
CA HIS B 292 -1.37 -35.25 -2.04
C HIS B 292 -1.93 -33.95 -2.61
N PHE B 293 -1.77 -33.75 -3.92
CA PHE B 293 -2.19 -32.50 -4.55
C PHE B 293 -3.38 -32.69 -5.49
N ASN B 294 -4.03 -31.59 -5.85
CA ASN B 294 -5.11 -31.60 -6.81
C ASN B 294 -4.56 -31.49 -8.23
N THR B 295 -5.44 -31.70 -9.22
CA THR B 295 -5.04 -31.61 -10.62
C THR B 295 -5.97 -30.65 -11.35
N GLY B 296 -5.43 -29.50 -11.76
CA GLY B 296 -6.20 -28.46 -12.41
C GLY B 296 -6.58 -28.82 -13.84
N PRO B 297 -7.03 -27.82 -14.62
CA PRO B 297 -7.42 -28.01 -16.01
C PRO B 297 -6.30 -28.64 -16.84
N LYS B 298 -6.66 -29.52 -17.78
CA LYS B 298 -5.69 -30.17 -18.63
C LYS B 298 -4.89 -29.15 -19.44
N PRO B 299 -3.66 -29.51 -19.84
CA PRO B 299 -2.88 -28.61 -20.71
C PRO B 299 -3.62 -28.21 -21.97
N ASN B 300 -3.49 -26.95 -22.36
CA ASN B 300 -4.13 -26.41 -23.55
C ASN B 300 -5.65 -26.52 -23.49
N SER B 301 -6.19 -26.52 -22.28
CA SER B 301 -7.63 -26.45 -22.08
C SER B 301 -8.09 -25.00 -22.14
N THR B 302 -9.39 -24.79 -22.24
CA THR B 302 -9.95 -23.45 -22.24
C THR B 302 -9.73 -22.79 -20.88
N ALA B 303 -9.89 -23.57 -19.82
CA ALA B 303 -9.79 -23.07 -18.46
C ALA B 303 -8.37 -23.09 -17.93
N ALA B 304 -7.43 -23.58 -18.75
CA ALA B 304 -6.04 -23.67 -18.33
C ALA B 304 -5.40 -22.29 -18.22
N GLY B 305 -4.81 -22.01 -17.06
CA GLY B 305 -4.11 -20.75 -16.83
C GLY B 305 -5.05 -19.57 -16.68
N VAL B 306 -6.35 -19.84 -16.59
CA VAL B 306 -7.35 -18.79 -16.46
C VAL B 306 -7.55 -18.41 -15.01
N SER B 307 -7.45 -19.39 -14.13
CA SER B 307 -7.64 -19.16 -12.69
C SER B 307 -6.65 -18.15 -12.15
N VAL B 308 -5.42 -18.20 -12.65
CA VAL B 308 -4.38 -17.25 -12.24
C VAL B 308 -4.76 -15.83 -12.65
N ILE B 309 -5.45 -15.72 -13.79
CA ILE B 309 -5.87 -14.42 -14.31
C ILE B 309 -7.18 -13.98 -13.65
N ALA B 310 -8.04 -14.95 -13.35
CA ALA B 310 -9.36 -14.66 -12.81
C ALA B 310 -9.30 -14.13 -11.38
N THR B 311 -8.29 -14.55 -10.63
CA THR B 311 -8.15 -14.15 -9.23
C THR B 311 -7.63 -12.72 -9.10
N THR B 312 -7.92 -12.09 -7.98
CA THR B 312 -7.48 -10.73 -7.70
C THR B 312 -6.99 -10.61 -6.26
N ALA B 313 -6.50 -9.43 -5.91
CA ALA B 313 -6.02 -9.17 -4.55
C ALA B 313 -7.16 -9.23 -3.55
N LEU B 314 -8.37 -8.98 -4.03
CA LEU B 314 -9.56 -8.99 -3.17
C LEU B 314 -9.99 -10.41 -2.82
N ASP B 315 -9.46 -11.40 -3.54
CA ASP B 315 -9.78 -12.80 -3.29
C ASP B 315 -8.89 -13.39 -2.20
N LYS B 316 -7.89 -12.62 -1.76
CA LYS B 316 -6.91 -13.11 -0.79
C LYS B 316 -7.42 -12.99 0.64
N GLU B 317 -7.17 -14.05 1.42
CA GLU B 317 -7.59 -14.09 2.81
C GLU B 317 -6.55 -14.84 3.66
N ARG B 318 -6.52 -14.55 4.95
CA ARG B 318 -5.62 -15.23 5.86
C ARG B 318 -6.01 -16.69 6.02
N GLN B 319 -5.01 -17.57 6.11
CA GLN B 319 -5.25 -19.01 6.18
C GLN B 319 -4.50 -19.66 7.34
N VAL B 320 -3.49 -18.96 7.84
CA VAL B 320 -2.67 -19.46 8.94
C VAL B 320 -3.19 -18.97 10.29
N PHE B 321 -3.47 -19.91 11.19
CA PHE B 321 -3.96 -19.57 12.52
C PHE B 321 -3.38 -20.52 13.57
N ARG B 322 -2.36 -20.06 14.30
CA ARG B 322 -1.77 -20.83 15.38
C ARG B 322 -2.74 -21.00 16.53
N ARG B 323 -2.48 -21.98 17.40
CA ARG B 323 -3.22 -22.12 18.64
C ARG B 323 -2.85 -20.96 19.58
N ARG B 324 -3.86 -20.33 20.16
CA ARG B 324 -3.65 -19.23 21.08
C ARG B 324 -2.97 -19.70 22.36
C1 BME C . 7.31 9.99 -0.46
C2 BME C . 8.22 10.99 0.23
O1 BME C . 6.73 10.70 -1.53
S2 BME C . 9.12 10.17 1.57
H11 BME C . 6.54 9.64 0.22
H12 BME C . 7.88 9.15 -0.83
H21 BME C . 8.94 11.39 -0.50
H22 BME C . 7.64 11.82 0.62
HO1 BME C . 7.07 11.61 -1.54
C1 BME D . -3.98 -10.93 3.09
C2 BME D . -4.38 -12.26 3.75
O1 BME D . -4.85 -10.68 2.00
S2 BME D . -3.51 -12.57 5.31
H11 BME D . -2.96 -10.99 2.74
H12 BME D . -4.06 -10.12 3.81
H21 BME D . -5.45 -12.25 3.93
H22 BME D . -4.18 -13.07 3.06
HO1 BME D . -5.49 -11.41 1.92
#